data_2UYM
#
_entry.id   2UYM
#
_cell.length_a   160.790
_cell.length_b   80.452
_cell.length_c   68.831
_cell.angle_alpha   90.00
_cell.angle_beta   96.16
_cell.angle_gamma   90.00
#
_symmetry.space_group_name_H-M   'C 1 2 1'
#
loop_
_entity.id
_entity.type
_entity.pdbx_description
1 polymer 'KINESIN-LIKE PROTEIN KIF11'
2 non-polymer "ADENOSINE-5'-DIPHOSPHATE"
3 non-polymer 'MAGNESIUM ION'
4 non-polymer N,N-DIETHYL-5,5-DIMETHYL-2-[(2-THIENYLCARBONYL)AMINO]-4,5,6,7-TETRAHYDRO-1-BENZOTHIOPHENE-3-CARBOXAMIDE
5 water water
#
_entity_poly.entity_id   1
_entity_poly.type   'polypeptide(L)'
_entity_poly.pdbx_seq_one_letter_code
;MASQPNSSAKKKEEKGKNIQVVVRCRPFNLAERKASAHSIVECDPVRKEVSVRTGGLADKSSRKTYTFDMVFGASTKQID
VYRSVVCPILDEVIMGYNCTIFAYGQTGTGKTFTMEGERSPNEEYTWEEDPLAGIIPRTLHQIFEKLTDNGTEFSVKVSL
LEIYNEELFDLLNPSSDVSERLQMFDDPRNKRGVIIKGLEEITVHNKDEVYQILEKGAAKRTTAATLMNAYSSRSHSVFS
VTIHMKETTIDGEELVKIGKLNLVDLAGSENIGRSGAVDKRAREAGNINQSLLTLGRVITALVERTPHVPYRESKLTRIL
QDSLGGRTRTSIIATISPASLNLEETLSTLEYAHRAKNILNKPEVNQK
;
_entity_poly.pdbx_strand_id   A,B
#
loop_
_chem_comp.id
_chem_comp.type
_chem_comp.name
_chem_comp.formula
ADP non-polymer ADENOSINE-5'-DIPHOSPHATE 'C10 H15 N5 O10 P2'
K03 non-polymer N,N-DIETHYL-5,5-DIMETHYL-2-[(2-THIENYLCARBONYL)AMINO]-4,5,6,7-TETRAHYDRO-1-BENZOTHIOPHENE-3-CARBOXAMIDE 'C20 H26 N2 O2 S2'
MG non-polymer 'MAGNESIUM ION' 'Mg 2'
#
# COMPACT_ATOMS: atom_id res chain seq x y z
N GLY A 16 -7.83 -37.41 20.00
CA GLY A 16 -7.74 -35.96 19.66
C GLY A 16 -7.63 -35.71 18.16
N LYS A 17 -6.77 -34.77 17.76
CA LYS A 17 -6.65 -34.35 16.37
C LYS A 17 -5.30 -33.65 16.12
N ASN A 18 -4.39 -34.33 15.40
CA ASN A 18 -3.13 -33.72 14.98
C ASN A 18 -3.32 -32.46 14.13
N ILE A 19 -2.46 -31.47 14.35
CA ILE A 19 -2.38 -30.30 13.48
C ILE A 19 -2.11 -30.77 12.04
N GLN A 20 -2.95 -30.31 11.12
CA GLN A 20 -2.77 -30.61 9.69
C GLN A 20 -1.87 -29.58 8.99
N VAL A 21 -0.88 -30.07 8.27
CA VAL A 21 0.13 -29.22 7.68
C VAL A 21 0.13 -29.44 6.18
N VAL A 22 -0.06 -28.36 5.43
CA VAL A 22 0.01 -28.40 3.96
C VAL A 22 1.10 -27.47 3.46
N VAL A 23 1.66 -27.82 2.31
CA VAL A 23 2.69 -27.02 1.65
C VAL A 23 2.14 -26.39 0.37
N ARG A 24 2.46 -25.12 0.17
CA ARG A 24 2.15 -24.46 -1.11
C ARG A 24 3.39 -23.77 -1.72
N CYS A 25 3.80 -24.25 -2.89
CA CYS A 25 4.91 -23.67 -3.64
C CYS A 25 4.35 -22.60 -4.58
N ARG A 26 4.94 -21.41 -4.52
CA ARG A 26 4.56 -20.33 -5.43
C ARG A 26 5.13 -20.64 -6.83
N PRO A 27 4.50 -20.11 -7.90
CA PRO A 27 5.12 -20.26 -9.23
C PRO A 27 6.30 -19.30 -9.44
N PHE A 28 7.05 -19.52 -10.50
CA PHE A 28 8.09 -18.57 -10.92
C PHE A 28 7.45 -17.28 -11.42
N ASN A 29 8.09 -16.15 -11.12
CA ASN A 29 7.59 -14.86 -11.55
C ASN A 29 8.11 -14.51 -12.97
N LEU A 30 7.72 -13.33 -13.50
CA LEU A 30 8.09 -12.87 -14.85
C LEU A 30 9.61 -12.90 -15.02
N ALA A 31 10.32 -12.33 -14.05
CA ALA A 31 11.78 -12.21 -14.11
C ALA A 31 12.48 -13.55 -14.05
N GLU A 32 12.02 -14.43 -13.18
CA GLU A 32 12.58 -15.79 -13.06
C GLU A 32 12.36 -16.61 -14.35
N ARG A 33 11.21 -16.45 -15.00
CA ARG A 33 10.94 -17.11 -16.28
C ARG A 33 11.88 -16.59 -17.35
N LYS A 34 12.18 -15.29 -17.28
CA LYS A 34 13.05 -14.63 -18.24
C LYS A 34 14.51 -15.03 -18.05
N ALA A 35 14.87 -15.42 -16.83
CA ALA A 35 16.21 -15.93 -16.54
C ALA A 35 16.34 -17.44 -16.80
N SER A 36 15.28 -18.02 -17.38
CA SER A 36 15.15 -19.47 -17.59
C SER A 36 15.46 -20.31 -16.33
N ALA A 37 14.98 -19.83 -15.17
CA ALA A 37 15.15 -20.55 -13.90
C ALA A 37 14.56 -21.96 -13.95
N HIS A 38 15.30 -22.90 -13.37
CA HIS A 38 14.82 -24.28 -13.20
C HIS A 38 14.47 -24.56 -11.74
N SER A 39 13.27 -25.08 -11.51
CA SER A 39 12.78 -25.40 -10.17
C SER A 39 13.60 -26.47 -9.44
N ILE A 40 13.88 -26.23 -8.17
CA ILE A 40 14.53 -27.25 -7.34
C ILE A 40 13.50 -28.01 -6.51
N VAL A 41 12.24 -27.67 -6.71
CA VAL A 41 11.15 -28.28 -5.95
C VAL A 41 10.26 -29.14 -6.87
N GLU A 42 9.93 -30.35 -6.42
CA GLU A 42 8.96 -31.20 -7.11
C GLU A 42 7.85 -31.61 -6.15
N CYS A 43 6.62 -31.26 -6.51
CA CYS A 43 5.45 -31.56 -5.70
C CYS A 43 4.64 -32.70 -6.30
N ASP A 44 4.29 -33.68 -5.46
CA ASP A 44 3.50 -34.84 -5.86
C ASP A 44 2.29 -34.94 -4.93
N PRO A 45 1.21 -34.22 -5.27
CA PRO A 45 0.01 -34.12 -4.43
C PRO A 45 -0.66 -35.46 -4.09
N VAL A 46 -0.59 -36.42 -5.03
CA VAL A 46 -1.18 -37.73 -4.81
C VAL A 46 -0.42 -38.48 -3.68
N ARG A 47 0.91 -38.36 -3.67
CA ARG A 47 1.75 -38.93 -2.62
C ARG A 47 1.88 -38.01 -1.41
N LYS A 48 1.39 -36.77 -1.56
CA LYS A 48 1.49 -35.71 -0.55
C LYS A 48 2.95 -35.44 -0.19
N GLU A 49 3.79 -35.30 -1.22
CA GLU A 49 5.22 -35.27 -1.06
C GLU A 49 5.79 -34.02 -1.69
N VAL A 50 6.81 -33.45 -1.07
CA VAL A 50 7.63 -32.42 -1.69
C VAL A 50 9.07 -32.92 -1.69
N SER A 51 9.68 -32.84 -2.86
CA SER A 51 11.03 -33.30 -3.08
C SER A 51 11.89 -32.10 -3.44
N VAL A 52 13.02 -31.95 -2.75
CA VAL A 52 13.91 -30.81 -2.95
C VAL A 52 15.30 -31.24 -3.41
N ARG A 53 15.77 -30.65 -4.49
CA ARG A 53 17.13 -30.88 -4.97
C ARG A 53 18.13 -30.08 -4.11
N THR A 54 18.96 -30.79 -3.34
CA THR A 54 19.81 -30.22 -2.30
C THR A 54 21.29 -30.13 -2.66
N GLY A 55 21.72 -30.93 -3.63
CA GLY A 55 23.13 -30.93 -4.05
C GLY A 55 23.35 -29.97 -5.18
N GLY A 56 24.45 -30.16 -5.90
CA GLY A 56 24.76 -29.32 -7.05
C GLY A 56 24.01 -29.59 -8.34
N LEU A 57 24.05 -30.83 -8.83
CA LEU A 57 23.71 -31.17 -10.24
C LEU A 57 22.21 -31.45 -10.53
N ALA A 58 21.89 -31.58 -11.82
CA ALA A 58 20.52 -31.73 -12.33
C ALA A 58 20.19 -33.08 -13.03
N ASP A 59 21.21 -33.80 -13.49
CA ASP A 59 21.04 -35.15 -14.06
C ASP A 59 21.59 -36.23 -13.12
N LYS A 60 22.11 -35.75 -11.98
CA LYS A 60 22.64 -36.55 -10.89
C LYS A 60 22.50 -35.66 -9.66
N SER A 61 21.74 -36.12 -8.68
CA SER A 61 21.29 -35.23 -7.63
C SER A 61 20.93 -35.98 -6.35
N SER A 62 21.36 -35.41 -5.23
CA SER A 62 20.81 -35.80 -3.95
C SER A 62 19.51 -35.01 -3.83
N ARG A 63 18.53 -35.58 -3.14
CA ARG A 63 17.26 -34.91 -2.94
C ARG A 63 16.84 -35.12 -1.50
N LYS A 64 15.93 -34.28 -1.01
CA LYS A 64 15.29 -34.46 0.28
C LYS A 64 13.78 -34.40 0.12
N THR A 65 13.08 -35.44 0.56
CA THR A 65 11.63 -35.47 0.46
C THR A 65 10.96 -35.41 1.84
N TYR A 66 9.74 -34.88 1.86
CA TYR A 66 8.98 -34.70 3.09
C TYR A 66 7.57 -35.09 2.75
N THR A 67 6.88 -35.74 3.68
CA THR A 67 5.46 -35.98 3.50
C THR A 67 4.66 -35.06 4.40
N PHE A 68 3.56 -34.55 3.87
CA PHE A 68 2.68 -33.66 4.62
C PHE A 68 1.26 -34.17 4.50
N ASP A 69 0.33 -33.46 5.12
CA ASP A 69 -1.06 -33.79 4.99
C ASP A 69 -1.58 -33.47 3.58
N MET A 70 -1.02 -32.44 2.96
CA MET A 70 -1.30 -32.07 1.57
C MET A 70 -0.14 -31.30 0.96
N VAL A 71 0.04 -31.44 -0.34
CA VAL A 71 1.02 -30.63 -1.07
C VAL A 71 0.38 -30.04 -2.33
N PHE A 72 0.60 -28.74 -2.49
CA PHE A 72 0.13 -27.95 -3.62
C PHE A 72 1.33 -27.33 -4.36
N GLY A 73 1.53 -27.72 -5.61
CA GLY A 73 2.66 -27.22 -6.41
C GLY A 73 2.43 -25.83 -6.97
N ALA A 74 3.37 -25.40 -7.80
CA ALA A 74 3.36 -24.06 -8.40
C ALA A 74 2.10 -23.74 -9.24
N SER A 75 1.44 -24.78 -9.76
CA SER A 75 0.26 -24.59 -10.60
C SER A 75 -1.03 -24.28 -9.82
N THR A 76 -0.99 -24.52 -8.51
CA THR A 76 -2.18 -24.39 -7.67
C THR A 76 -2.74 -22.97 -7.70
N LYS A 77 -4.04 -22.86 -7.88
CA LYS A 77 -4.74 -21.58 -7.90
C LYS A 77 -5.44 -21.36 -6.55
N GLN A 78 -5.96 -20.15 -6.35
CA GLN A 78 -6.68 -19.80 -5.13
C GLN A 78 -7.92 -20.66 -4.94
N ILE A 79 -8.54 -21.04 -6.05
CA ILE A 79 -9.75 -21.82 -5.98
C ILE A 79 -9.45 -23.26 -5.55
N ASP A 80 -8.34 -23.80 -6.04
CA ASP A 80 -7.82 -25.08 -5.54
C ASP A 80 -7.65 -25.11 -4.02
N VAL A 81 -7.01 -24.08 -3.46
CA VAL A 81 -6.76 -24.00 -2.01
C VAL A 81 -8.07 -23.84 -1.26
N TYR A 82 -8.97 -23.05 -1.83
CA TYR A 82 -10.26 -22.80 -1.23
C TYR A 82 -11.12 -24.07 -1.15
N ARG A 83 -11.31 -24.76 -2.27
CA ARG A 83 -12.08 -26.01 -2.28
C ARG A 83 -11.51 -27.10 -1.34
N SER A 84 -10.20 -27.31 -1.36
CA SER A 84 -9.58 -28.45 -0.68
C SER A 84 -9.27 -28.21 0.80
N VAL A 85 -9.03 -26.96 1.16
CA VAL A 85 -8.58 -26.62 2.50
C VAL A 85 -9.62 -25.77 3.23
N VAL A 86 -9.97 -24.62 2.67
CA VAL A 86 -10.83 -23.68 3.37
C VAL A 86 -12.22 -24.28 3.64
N CYS A 87 -12.89 -24.73 2.59
CA CYS A 87 -14.28 -25.20 2.70
C CYS A 87 -14.60 -26.12 3.86
N PRO A 88 -13.86 -27.24 3.99
CA PRO A 88 -14.09 -28.16 5.12
C PRO A 88 -13.86 -27.57 6.51
N ILE A 89 -12.88 -26.67 6.63
CA ILE A 89 -12.62 -25.96 7.90
C ILE A 89 -13.72 -24.97 8.21
N LEU A 90 -14.19 -24.25 7.20
CA LEU A 90 -15.36 -23.39 7.36
C LEU A 90 -16.59 -24.18 7.82
N ASP A 91 -16.78 -25.38 7.27
CA ASP A 91 -17.88 -26.25 7.70
C ASP A 91 -17.79 -26.57 9.19
N GLU A 92 -16.57 -26.88 9.66
CA GLU A 92 -16.34 -27.15 11.07
C GLU A 92 -16.62 -25.92 11.95
N VAL A 93 -16.30 -24.73 11.45
CA VAL A 93 -16.65 -23.48 12.14
C VAL A 93 -18.18 -23.29 12.23
N ILE A 94 -18.88 -23.52 11.12
CA ILE A 94 -20.36 -23.44 11.08
C ILE A 94 -21.03 -24.44 12.03
N MET A 95 -20.48 -25.64 12.14
CA MET A 95 -20.94 -26.60 13.16
C MET A 95 -20.64 -26.14 14.59
N GLY A 96 -20.05 -24.94 14.71
CA GLY A 96 -19.85 -24.27 15.99
C GLY A 96 -18.56 -24.54 16.76
N TYR A 97 -17.48 -24.90 16.06
CA TYR A 97 -16.17 -25.11 16.68
C TYR A 97 -15.17 -24.00 16.33
N ASN A 98 -14.07 -23.94 17.09
CA ASN A 98 -12.98 -23.00 16.82
C ASN A 98 -11.92 -23.61 15.90
N CYS A 99 -11.46 -22.82 14.93
CA CYS A 99 -10.47 -23.26 13.95
C CYS A 99 -9.46 -22.15 13.67
N THR A 100 -8.21 -22.54 13.48
CA THR A 100 -7.16 -21.61 13.09
C THR A 100 -6.34 -22.10 11.88
N ILE A 101 -6.06 -21.17 10.97
CA ILE A 101 -5.12 -21.43 9.87
C ILE A 101 -3.95 -20.45 9.94
N PHE A 102 -2.74 -20.98 10.12
CA PHE A 102 -1.50 -20.18 10.00
C PHE A 102 -0.95 -20.22 8.58
N ALA A 103 -0.32 -19.14 8.16
CA ALA A 103 0.59 -19.15 7.00
C ALA A 103 1.99 -18.88 7.52
N TYR A 104 2.92 -19.78 7.22
CA TYR A 104 4.31 -19.73 7.70
C TYR A 104 5.25 -19.85 6.50
N GLY A 105 6.33 -19.06 6.47
CA GLY A 105 7.31 -19.15 5.38
C GLY A 105 8.12 -17.88 5.21
N GLN A 106 9.15 -17.93 4.38
CA GLN A 106 9.98 -16.78 4.19
C GLN A 106 9.21 -15.72 3.37
N THR A 107 9.53 -14.46 3.63
CA THR A 107 9.02 -13.35 2.86
C THR A 107 9.28 -13.58 1.37
N GLY A 108 8.24 -13.43 0.58
CA GLY A 108 8.32 -13.55 -0.85
C GLY A 108 7.74 -14.84 -1.39
N THR A 109 7.14 -15.66 -0.53
CA THR A 109 6.72 -17.02 -0.92
C THR A 109 5.21 -17.20 -1.02
N GLY A 110 4.48 -16.15 -0.63
CA GLY A 110 3.05 -16.10 -0.83
C GLY A 110 2.15 -16.34 0.34
N LYS A 111 2.60 -15.97 1.55
CA LYS A 111 1.74 -15.95 2.73
C LYS A 111 0.57 -14.96 2.60
N THR A 112 0.88 -13.71 2.26
CA THR A 112 -0.17 -12.72 2.09
C THR A 112 -1.04 -13.08 0.89
N PHE A 113 -0.38 -13.55 -0.17
CA PHE A 113 -1.10 -14.02 -1.36
C PHE A 113 -2.15 -15.05 -1.01
N THR A 114 -1.75 -16.06 -0.24
CA THR A 114 -2.66 -17.10 0.14
C THR A 114 -3.81 -16.63 1.04
N MET A 115 -3.48 -15.84 2.07
CA MET A 115 -4.45 -15.48 3.10
C MET A 115 -5.43 -14.38 2.69
N GLU A 116 -4.92 -13.39 1.96
CA GLU A 116 -5.69 -12.22 1.56
C GLU A 116 -5.95 -12.26 0.05
N GLY A 117 -4.89 -12.50 -0.72
CA GLY A 117 -5.00 -12.50 -2.17
C GLY A 117 -4.71 -11.14 -2.74
N GLU A 118 -4.92 -11.00 -4.05
CA GLU A 118 -4.63 -9.75 -4.75
C GLU A 118 -5.78 -9.42 -5.69
N ARG A 119 -5.77 -8.21 -6.25
CA ARG A 119 -6.76 -7.83 -7.28
C ARG A 119 -6.24 -8.17 -8.65
N SER A 120 -7.11 -8.74 -9.48
CA SER A 120 -6.82 -8.86 -10.90
C SER A 120 -6.66 -7.47 -11.49
N PRO A 121 -5.65 -7.29 -12.35
CA PRO A 121 -5.36 -5.98 -12.92
C PRO A 121 -6.47 -5.47 -13.84
N ASN A 122 -6.52 -4.15 -13.97
CA ASN A 122 -7.37 -3.42 -14.92
C ASN A 122 -8.85 -3.49 -14.65
N GLU A 123 -9.22 -3.64 -13.37
CA GLU A 123 -10.63 -3.68 -12.93
C GLU A 123 -11.50 -4.70 -13.70
N GLU A 124 -10.91 -5.86 -13.97
CA GLU A 124 -11.54 -6.92 -14.75
C GLU A 124 -12.69 -7.59 -14.01
N TYR A 125 -12.53 -7.74 -12.69
CA TYR A 125 -13.55 -8.39 -11.86
C TYR A 125 -14.00 -7.51 -10.71
N THR A 126 -15.11 -7.93 -10.12
CA THR A 126 -15.56 -7.40 -8.84
C THR A 126 -14.97 -8.31 -7.74
N TRP A 127 -15.02 -7.86 -6.50
CA TRP A 127 -14.23 -8.50 -5.44
C TRP A 127 -14.64 -9.96 -5.24
N GLU A 128 -15.94 -10.24 -5.25
CA GLU A 128 -16.48 -11.58 -5.02
C GLU A 128 -16.26 -12.61 -6.13
N GLU A 129 -15.82 -12.16 -7.31
CA GLU A 129 -15.53 -13.09 -8.41
C GLU A 129 -14.08 -13.05 -8.90
N ASP A 130 -13.24 -12.25 -8.22
CA ASP A 130 -11.84 -12.14 -8.59
C ASP A 130 -11.14 -13.47 -8.32
N PRO A 131 -10.52 -14.07 -9.35
CA PRO A 131 -9.82 -15.34 -9.20
C PRO A 131 -8.59 -15.28 -8.28
N LEU A 132 -8.07 -14.06 -8.07
CA LEU A 132 -6.90 -13.84 -7.24
C LEU A 132 -7.22 -13.66 -5.75
N ALA A 133 -8.52 -13.54 -5.43
CA ALA A 133 -9.00 -13.52 -4.05
C ALA A 133 -8.42 -14.66 -3.24
N GLY A 134 -8.02 -14.37 -2.00
CA GLY A 134 -7.46 -15.40 -1.12
C GLY A 134 -8.46 -15.88 -0.08
N ILE A 135 -7.95 -16.40 1.03
CA ILE A 135 -8.76 -17.08 2.02
C ILE A 135 -9.81 -16.16 2.66
N ILE A 136 -9.36 -14.97 3.10
CA ILE A 136 -10.20 -14.03 3.86
C ILE A 136 -11.48 -13.58 3.10
N PRO A 137 -11.35 -12.94 1.92
CA PRO A 137 -12.59 -12.60 1.20
C PRO A 137 -13.47 -13.81 0.83
N ARG A 138 -12.87 -14.86 0.28
CA ARG A 138 -13.58 -16.10 -0.04
C ARG A 138 -14.40 -16.64 1.14
N THR A 139 -13.79 -16.73 2.32
CA THR A 139 -14.48 -17.12 3.56
C THR A 139 -15.67 -16.19 3.88
N LEU A 140 -15.42 -14.89 3.94
CA LEU A 140 -16.44 -13.88 4.24
C LEU A 140 -17.65 -13.93 3.29
N HIS A 141 -17.39 -14.02 1.99
CA HIS A 141 -18.44 -14.23 0.98
C HIS A 141 -19.25 -15.53 1.21
N GLN A 142 -18.55 -16.65 1.36
CA GLN A 142 -19.20 -17.94 1.49
C GLN A 142 -20.02 -18.15 2.76
N ILE A 143 -19.64 -17.47 3.83
CA ILE A 143 -20.36 -17.54 5.10
C ILE A 143 -21.79 -17.05 4.87
N PHE A 144 -21.93 -15.90 4.21
CA PHE A 144 -23.24 -15.34 3.90
C PHE A 144 -23.96 -16.15 2.83
N GLU A 145 -23.24 -16.54 1.78
CA GLU A 145 -23.83 -17.33 0.69
C GLU A 145 -24.43 -18.65 1.21
N LYS A 146 -23.73 -19.35 2.10
CA LYS A 146 -24.24 -20.59 2.68
C LYS A 146 -25.28 -20.37 3.78
N LEU A 147 -25.07 -19.38 4.64
CA LEU A 147 -25.95 -19.16 5.79
C LEU A 147 -27.25 -18.42 5.50
N THR A 148 -27.33 -17.73 4.37
CA THR A 148 -28.60 -17.19 3.89
C THR A 148 -29.42 -18.35 3.31
N ASP A 149 -28.74 -19.21 2.54
CA ASP A 149 -29.30 -20.41 1.91
C ASP A 149 -30.18 -21.29 2.81
N ASN A 150 -29.75 -21.51 4.06
CA ASN A 150 -30.59 -22.26 5.01
C ASN A 150 -31.42 -21.37 5.94
N GLY A 151 -32.25 -21.98 6.79
CA GLY A 151 -33.05 -21.23 7.76
C GLY A 151 -32.15 -20.83 8.91
N THR A 152 -31.77 -19.55 8.93
CA THR A 152 -30.65 -19.13 9.79
C THR A 152 -30.81 -17.75 10.44
N GLU A 153 -30.94 -17.76 11.76
CA GLU A 153 -30.67 -16.57 12.56
C GLU A 153 -29.18 -16.63 12.93
N PHE A 154 -28.39 -15.79 12.27
CA PHE A 154 -26.93 -15.77 12.45
C PHE A 154 -26.39 -14.34 12.44
N SER A 155 -25.24 -14.15 13.08
CA SER A 155 -24.50 -12.89 13.03
C SER A 155 -23.01 -13.14 12.83
N VAL A 156 -22.35 -12.22 12.13
CA VAL A 156 -20.93 -12.32 11.82
C VAL A 156 -20.20 -11.07 12.34
N LYS A 157 -19.09 -11.29 13.03
CA LYS A 157 -18.20 -10.22 13.50
C LYS A 157 -16.73 -10.49 13.11
N VAL A 158 -16.03 -9.43 12.73
CA VAL A 158 -14.61 -9.52 12.38
C VAL A 158 -13.74 -8.61 13.28
N SER A 159 -12.49 -9.04 13.50
CA SER A 159 -11.48 -8.20 14.12
C SER A 159 -10.10 -8.43 13.46
N LEU A 160 -9.21 -7.44 13.54
CA LEU A 160 -7.86 -7.58 13.02
C LEU A 160 -6.85 -7.03 13.99
N LEU A 161 -6.20 -7.95 14.70
CA LEU A 161 -5.22 -7.64 15.72
C LEU A 161 -3.85 -7.94 15.12
N GLU A 162 -2.97 -6.95 15.13
CA GLU A 162 -1.63 -7.13 14.59
C GLU A 162 -0.52 -6.89 15.65
N ILE A 163 0.59 -7.59 15.49
CA ILE A 163 1.69 -7.56 16.45
C ILE A 163 2.97 -7.13 15.75
N TYR A 164 3.54 -6.04 16.22
CA TYR A 164 4.82 -5.60 15.71
C TYR A 164 5.72 -5.19 16.89
N ASN A 165 6.89 -5.80 17.03
CA ASN A 165 7.78 -5.57 18.19
C ASN A 165 7.08 -5.77 19.55
N GLU A 166 6.20 -6.76 19.65
CA GLU A 166 5.44 -7.04 20.88
C GLU A 166 4.47 -5.93 21.29
N GLU A 167 4.16 -4.99 20.39
CA GLU A 167 3.09 -4.03 20.61
C GLU A 167 1.87 -4.46 19.78
N LEU A 168 0.69 -4.05 20.21
CA LEU A 168 -0.55 -4.51 19.58
C LEU A 168 -1.29 -3.39 18.88
N PHE A 169 -1.88 -3.69 17.72
CA PHE A 169 -2.55 -2.72 16.86
C PHE A 169 -3.89 -3.26 16.35
N ASP A 170 -4.89 -2.39 16.25
CA ASP A 170 -6.19 -2.74 15.64
C ASP A 170 -6.12 -2.19 14.21
N LEU A 171 -6.19 -3.08 13.20
CA LEU A 171 -6.11 -2.61 11.80
C LEU A 171 -7.47 -2.50 11.09
N LEU A 172 -8.56 -2.71 11.83
CA LEU A 172 -9.89 -2.55 11.23
C LEU A 172 -10.65 -1.32 11.71
N ASN A 173 -10.51 -0.96 12.98
CA ASN A 173 -11.34 0.11 13.59
C ASN A 173 -11.30 1.47 12.87
N PRO A 174 -12.41 1.85 12.20
CA PRO A 174 -12.49 3.15 11.53
C PRO A 174 -12.38 4.34 12.49
N SER A 175 -12.82 4.15 13.74
CA SER A 175 -12.76 5.19 14.77
C SER A 175 -11.30 5.55 15.12
N SER A 176 -10.66 4.66 15.88
CA SER A 176 -9.29 4.83 16.35
C SER A 176 -8.28 4.79 15.21
N ASP A 177 -7.11 5.40 15.38
CA ASP A 177 -6.06 5.28 14.37
C ASP A 177 -4.98 4.26 14.76
N VAL A 178 -4.36 3.66 13.74
CA VAL A 178 -3.41 2.55 13.90
C VAL A 178 -2.27 2.71 14.92
N SER A 179 -1.75 3.92 15.06
CA SER A 179 -0.64 4.19 15.99
C SER A 179 -0.99 3.98 17.48
N GLU A 180 -2.29 3.96 17.81
CA GLU A 180 -2.73 3.65 19.17
C GLU A 180 -2.42 2.19 19.51
N ARG A 181 -1.43 1.94 20.37
CA ARG A 181 -1.17 0.60 20.90
C ARG A 181 -2.32 0.11 21.78
N LEU A 182 -2.57 -1.19 21.76
CA LEU A 182 -3.59 -1.79 22.61
C LEU A 182 -2.90 -2.48 23.79
N GLN A 183 -3.69 -2.85 24.80
CA GLN A 183 -3.16 -3.56 25.96
C GLN A 183 -3.84 -4.91 26.10
N MET A 184 -3.07 -5.92 26.48
CA MET A 184 -3.63 -7.24 26.76
C MET A 184 -3.52 -7.66 28.24
N PHE A 185 -4.55 -8.37 28.69
CA PHE A 185 -4.69 -8.86 30.05
C PHE A 185 -5.20 -10.30 30.00
N ASP A 186 -4.90 -11.06 31.05
CA ASP A 186 -5.52 -12.40 31.21
C ASP A 186 -7.03 -12.33 31.42
N ASP A 187 -7.75 -13.34 30.95
CA ASP A 187 -9.21 -13.36 31.04
C ASP A 187 -9.63 -14.19 32.25
N PRO A 188 -10.23 -13.53 33.26
CA PRO A 188 -10.59 -14.19 34.53
C PRO A 188 -11.47 -15.42 34.32
N ARG A 189 -12.44 -15.31 33.42
CA ARG A 189 -13.38 -16.40 33.13
C ARG A 189 -13.03 -17.33 31.95
N ASN A 190 -11.78 -17.29 31.49
CA ASN A 190 -11.28 -18.16 30.38
C ASN A 190 -9.78 -18.47 30.50
N LYS A 191 -9.46 -19.75 30.75
CA LYS A 191 -8.08 -20.18 31.08
C LYS A 191 -7.01 -20.08 29.97
N ARG A 192 -7.40 -20.40 28.73
CA ARG A 192 -6.50 -20.28 27.58
C ARG A 192 -6.70 -18.94 26.85
N GLY A 193 -7.33 -17.98 27.53
CA GLY A 193 -7.83 -16.77 26.88
C GLY A 193 -7.33 -15.47 27.46
N VAL A 194 -7.48 -14.41 26.67
CA VAL A 194 -7.00 -13.08 27.03
C VAL A 194 -8.08 -12.04 26.77
N ILE A 195 -7.91 -10.86 27.36
CA ILE A 195 -8.73 -9.70 27.01
C ILE A 195 -7.84 -8.67 26.35
N ILE A 196 -8.25 -8.18 25.18
CA ILE A 196 -7.52 -7.08 24.56
C ILE A 196 -8.34 -5.80 24.58
N LYS A 197 -7.88 -4.85 25.38
CA LYS A 197 -8.55 -3.57 25.54
C LYS A 197 -8.40 -2.72 24.29
N GLY A 198 -9.53 -2.28 23.74
CA GLY A 198 -9.54 -1.39 22.59
C GLY A 198 -9.59 -2.07 21.22
N LEU A 199 -9.58 -3.40 21.19
CA LEU A 199 -9.74 -4.11 19.91
C LEU A 199 -11.22 -4.13 19.55
N GLU A 200 -11.57 -3.50 18.42
CA GLU A 200 -12.95 -3.46 17.94
C GLU A 200 -13.35 -4.73 17.17
N GLU A 201 -14.47 -5.31 17.58
CA GLU A 201 -15.16 -6.30 16.77
C GLU A 201 -16.18 -5.56 15.91
N ILE A 202 -16.19 -5.83 14.62
CA ILE A 202 -17.08 -5.15 13.68
C ILE A 202 -18.11 -6.12 13.12
N THR A 203 -19.37 -5.74 13.24
CA THR A 203 -20.49 -6.54 12.78
C THR A 203 -20.58 -6.46 11.27
N VAL A 204 -20.50 -7.61 10.60
CA VAL A 204 -20.69 -7.62 9.15
C VAL A 204 -22.13 -8.02 8.88
N HIS A 205 -22.97 -7.01 8.66
CA HIS A 205 -24.42 -7.20 8.63
C HIS A 205 -24.89 -8.08 7.47
N ASN A 206 -24.30 -7.85 6.30
CA ASN A 206 -24.57 -8.62 5.10
C ASN A 206 -23.33 -8.62 4.21
N LYS A 207 -23.33 -9.50 3.21
CA LYS A 207 -22.22 -9.67 2.26
C LYS A 207 -21.79 -8.39 1.51
N ASP A 208 -22.68 -7.41 1.45
CA ASP A 208 -22.41 -6.17 0.73
C ASP A 208 -21.74 -5.08 1.59
N GLU A 209 -21.54 -5.39 2.87
CA GLU A 209 -20.67 -4.58 3.73
C GLU A 209 -19.20 -5.04 3.70
N VAL A 210 -18.98 -6.31 3.33
CA VAL A 210 -17.66 -6.94 3.43
C VAL A 210 -16.51 -6.09 2.89
N TYR A 211 -16.62 -5.67 1.64
CA TYR A 211 -15.47 -5.09 0.95
C TYR A 211 -15.01 -3.76 1.53
N GLN A 212 -15.94 -2.86 1.84
CA GLN A 212 -15.63 -1.54 2.39
C GLN A 212 -14.96 -1.65 3.76
N ILE A 213 -15.31 -2.69 4.51
CA ILE A 213 -14.65 -2.94 5.79
C ILE A 213 -13.17 -3.31 5.57
N LEU A 214 -12.93 -4.19 4.61
CA LEU A 214 -11.59 -4.59 4.18
C LEU A 214 -10.79 -3.40 3.67
N GLU A 215 -11.45 -2.51 2.92
CA GLU A 215 -10.80 -1.34 2.36
C GLU A 215 -10.22 -0.38 3.39
N LYS A 216 -10.95 -0.12 4.48
CA LYS A 216 -10.39 0.71 5.54
C LYS A 216 -9.19 0.02 6.25
N GLY A 217 -9.23 -1.30 6.31
CA GLY A 217 -8.08 -2.09 6.76
C GLY A 217 -6.86 -1.87 5.88
N ALA A 218 -7.06 -1.98 4.56
CA ALA A 218 -5.99 -1.82 3.58
C ALA A 218 -5.34 -0.45 3.70
N ALA A 219 -6.15 0.58 3.94
CA ALA A 219 -5.64 1.93 4.20
C ALA A 219 -4.82 2.03 5.49
N LYS A 220 -5.30 1.41 6.59
CA LYS A 220 -4.53 1.39 7.86
C LYS A 220 -3.17 0.67 7.71
N ARG A 221 -3.12 -0.35 6.86
CA ARG A 221 -1.91 -1.10 6.56
C ARG A 221 -0.80 -0.22 5.98
N THR A 222 -1.17 0.66 5.05
CA THR A 222 -0.25 1.63 4.44
C THR A 222 0.31 2.60 5.50
N THR A 223 -0.56 3.11 6.36
CA THR A 223 -0.05 3.97 7.44
C THR A 223 0.89 3.22 8.42
N ALA A 224 0.56 1.98 8.79
CA ALA A 224 1.44 1.19 9.67
C ALA A 224 2.81 0.98 9.02
N ALA A 225 2.79 0.70 7.71
CA ALA A 225 4.03 0.59 6.92
C ALA A 225 4.87 1.88 6.91
N THR A 226 4.19 3.01 6.86
CA THR A 226 4.90 4.29 6.95
C THR A 226 5.46 4.45 8.35
N LEU A 227 4.69 4.08 9.36
CA LEU A 227 5.12 4.31 10.76
C LEU A 227 6.22 3.36 11.28
N MET A 228 6.22 2.11 10.81
CA MET A 228 7.01 1.03 11.37
C MET A 228 7.86 0.34 10.30
N ASN A 229 9.15 0.18 10.60
CA ASN A 229 10.15 -0.40 9.69
C ASN A 229 9.88 -1.83 9.29
N ALA A 230 9.81 -2.08 7.98
CA ALA A 230 9.50 -3.40 7.41
C ALA A 230 8.27 -4.01 8.07
N TYR A 231 7.21 -3.22 8.22
CA TYR A 231 6.00 -3.67 8.92
C TYR A 231 5.37 -4.95 8.31
N SER A 232 5.28 -4.99 6.98
CA SER A 232 4.65 -6.13 6.27
C SER A 232 5.39 -7.47 6.47
N SER A 233 6.71 -7.40 6.63
CA SER A 233 7.56 -8.59 6.88
C SER A 233 7.71 -9.05 8.35
N ARG A 234 7.75 -8.09 9.28
CA ARG A 234 8.04 -8.31 10.70
C ARG A 234 6.79 -8.42 11.58
N SER A 235 5.67 -7.87 11.10
CA SER A 235 4.38 -8.02 11.82
C SER A 235 3.75 -9.41 11.69
N HIS A 236 2.89 -9.77 12.67
CA HIS A 236 1.95 -10.89 12.59
C HIS A 236 0.54 -10.34 12.62
N SER A 237 -0.33 -10.78 11.71
CA SER A 237 -1.76 -10.43 11.79
C SER A 237 -2.64 -11.61 12.15
N VAL A 238 -3.64 -11.34 12.98
CA VAL A 238 -4.68 -12.30 13.33
C VAL A 238 -6.05 -11.74 12.91
N PHE A 239 -6.51 -12.20 11.75
CA PHE A 239 -7.83 -11.82 11.23
C PHE A 239 -8.80 -12.81 11.81
N SER A 240 -9.72 -12.32 12.64
CA SER A 240 -10.75 -13.15 13.24
C SER A 240 -12.12 -12.91 12.63
N VAL A 241 -12.90 -13.98 12.49
CA VAL A 241 -14.32 -13.92 12.15
C VAL A 241 -15.12 -14.83 13.09
N THR A 242 -16.11 -14.24 13.75
CA THR A 242 -16.95 -14.96 14.73
C THR A 242 -18.42 -15.09 14.27
N ILE A 243 -18.92 -16.31 14.25
CA ILE A 243 -20.29 -16.57 13.80
C ILE A 243 -21.15 -17.01 14.98
N HIS A 244 -22.19 -16.22 15.26
CA HIS A 244 -23.21 -16.60 16.24
C HIS A 244 -24.36 -17.21 15.45
N MET A 245 -24.74 -18.43 15.81
CA MET A 245 -25.82 -19.13 15.12
C MET A 245 -26.93 -19.57 16.07
N LYS A 246 -28.16 -19.39 15.61
CA LYS A 246 -29.35 -19.89 16.30
C LYS A 246 -30.35 -20.36 15.23
N GLU A 247 -29.81 -21.07 14.23
CA GLU A 247 -30.54 -21.49 13.02
C GLU A 247 -31.99 -21.94 13.22
N THR A 248 -32.92 -21.20 12.61
CA THR A 248 -34.37 -21.47 12.72
C THR A 248 -34.93 -22.31 11.55
N THR A 249 -34.09 -23.22 11.06
CA THR A 249 -34.34 -24.11 9.89
C THR A 249 -35.77 -24.11 9.29
N ILE A 250 -36.51 -25.19 9.54
CA ILE A 250 -37.92 -25.35 9.10
C ILE A 250 -38.77 -26.10 10.14
N ASP A 251 -38.20 -26.26 11.33
CA ASP A 251 -38.82 -27.01 12.41
C ASP A 251 -39.13 -26.10 13.61
N GLY A 252 -38.40 -24.99 13.69
CA GLY A 252 -38.48 -24.05 14.80
C GLY A 252 -37.30 -24.20 15.73
N GLU A 253 -36.46 -25.19 15.44
CA GLU A 253 -35.27 -25.54 16.24
C GLU A 253 -34.26 -24.38 16.27
N GLU A 254 -33.53 -24.28 17.39
CA GLU A 254 -32.49 -23.26 17.57
C GLU A 254 -31.54 -23.61 18.73
N LEU A 255 -30.32 -24.04 18.36
CA LEU A 255 -29.28 -24.37 19.35
C LEU A 255 -28.16 -23.33 19.31
N VAL A 256 -27.91 -22.67 20.45
CA VAL A 256 -26.99 -21.52 20.56
C VAL A 256 -25.49 -21.86 20.32
N LYS A 257 -25.09 -21.98 19.06
CA LYS A 257 -23.71 -22.33 18.74
C LYS A 257 -22.85 -21.16 18.23
N ILE A 258 -21.60 -21.16 18.67
CA ILE A 258 -20.64 -20.10 18.32
C ILE A 258 -19.42 -20.71 17.64
N GLY A 259 -19.08 -20.18 16.47
CA GLY A 259 -17.89 -20.62 15.76
C GLY A 259 -16.92 -19.47 15.54
N LYS A 260 -15.64 -19.72 15.80
CA LYS A 260 -14.60 -18.71 15.51
C LYS A 260 -13.51 -19.21 14.54
N LEU A 261 -13.08 -18.33 13.63
CA LEU A 261 -11.99 -18.63 12.71
C LEU A 261 -10.90 -17.55 12.75
N ASN A 262 -9.70 -17.97 13.15
CA ASN A 262 -8.51 -17.12 13.11
C ASN A 262 -7.69 -17.43 11.87
N LEU A 263 -7.43 -16.41 11.07
CA LEU A 263 -6.54 -16.51 9.92
C LEU A 263 -5.31 -15.72 10.27
N VAL A 264 -4.17 -16.41 10.32
CA VAL A 264 -2.97 -15.88 10.92
C VAL A 264 -1.83 -15.82 9.90
N ASP A 265 -1.40 -14.61 9.59
CA ASP A 265 -0.33 -14.37 8.64
C ASP A 265 0.91 -14.04 9.45
N LEU A 266 1.83 -15.01 9.57
CA LEU A 266 2.98 -14.84 10.45
C LEU A 266 4.03 -14.02 9.77
N ALA A 267 4.85 -13.37 10.60
CA ALA A 267 6.05 -12.70 10.18
C ALA A 267 6.94 -13.65 9.40
N GLY A 268 7.70 -13.12 8.44
CA GLY A 268 8.55 -13.93 7.61
C GLY A 268 9.59 -14.68 8.42
N SER A 269 9.83 -15.93 8.03
CA SER A 269 10.65 -16.87 8.79
C SER A 269 12.15 -16.78 8.52
N GLU A 270 12.52 -16.02 7.47
CA GLU A 270 13.91 -15.94 7.00
C GLU A 270 14.91 -15.48 8.07
N ASN A 271 16.12 -16.07 8.03
CA ASN A 271 17.22 -15.60 8.87
C ASN A 271 17.73 -14.27 8.32
N ILE A 288 15.33 -10.72 18.19
CA ILE A 288 14.61 -9.55 17.66
C ILE A 288 13.10 -9.71 17.37
N ASN A 289 12.64 -10.88 16.97
CA ASN A 289 11.18 -11.14 16.88
C ASN A 289 10.74 -12.10 18.00
N GLN A 290 10.40 -11.56 19.17
CA GLN A 290 10.06 -12.39 20.33
C GLN A 290 8.88 -13.34 20.08
N SER A 291 7.84 -12.84 19.40
CA SER A 291 6.68 -13.67 19.06
C SER A 291 7.01 -14.83 18.11
N LEU A 292 7.84 -14.58 17.10
CA LEU A 292 8.27 -15.65 16.19
C LEU A 292 9.21 -16.64 16.92
N LEU A 293 10.10 -16.12 17.75
CA LEU A 293 11.00 -16.98 18.53
C LEU A 293 10.21 -17.89 19.44
N THR A 294 9.19 -17.35 20.09
CA THR A 294 8.39 -18.06 21.07
C THR A 294 7.44 -19.06 20.41
N LEU A 295 6.87 -18.73 19.25
CA LEU A 295 6.07 -19.73 18.52
C LEU A 295 6.90 -21.00 18.31
N GLY A 296 8.16 -20.85 17.88
CA GLY A 296 9.03 -22.01 17.63
C GLY A 296 9.29 -22.88 18.86
N ARG A 297 9.57 -22.23 19.99
CA ARG A 297 9.89 -22.90 21.25
C ARG A 297 8.64 -23.58 21.80
N VAL A 298 7.48 -22.95 21.59
CA VAL A 298 6.18 -23.54 21.93
C VAL A 298 5.95 -24.80 21.11
N ILE A 299 6.22 -24.72 19.82
CA ILE A 299 6.08 -25.89 18.95
C ILE A 299 7.04 -27.02 19.39
N THR A 300 8.26 -26.67 19.73
CA THR A 300 9.26 -27.66 20.16
C THR A 300 8.85 -28.29 21.47
N ALA A 301 8.41 -27.48 22.42
CA ALA A 301 7.91 -27.99 23.69
C ALA A 301 6.75 -28.98 23.46
N LEU A 302 5.78 -28.59 22.64
CA LEU A 302 4.61 -29.43 22.33
C LEU A 302 4.94 -30.77 21.67
N VAL A 303 5.88 -30.75 20.72
CA VAL A 303 6.27 -31.95 19.98
C VAL A 303 7.21 -32.90 20.78
N GLU A 304 8.02 -32.35 21.67
CA GLU A 304 8.86 -33.16 22.56
C GLU A 304 8.14 -33.46 23.89
N ARG A 305 6.87 -33.06 23.94
CA ARG A 305 5.98 -33.14 25.11
C ARG A 305 6.59 -32.73 26.46
N THR A 306 7.27 -31.59 26.44
CA THR A 306 7.81 -30.97 27.65
C THR A 306 6.66 -30.46 28.52
N PRO A 307 6.72 -30.67 29.85
CA PRO A 307 5.61 -30.24 30.72
C PRO A 307 5.36 -28.73 30.66
N HIS A 308 6.43 -27.94 30.57
CA HIS A 308 6.28 -26.50 30.48
C HIS A 308 6.30 -25.98 29.02
N VAL A 309 5.19 -25.40 28.59
CA VAL A 309 5.10 -24.80 27.24
C VAL A 309 5.14 -23.28 27.41
N PRO A 310 6.17 -22.61 26.84
CA PRO A 310 6.32 -21.16 27.08
C PRO A 310 5.36 -20.18 26.37
N TYR A 311 4.05 -20.47 26.39
CA TYR A 311 3.00 -19.57 25.88
C TYR A 311 3.15 -18.13 26.30
N ARG A 312 3.44 -17.93 27.58
CA ARG A 312 3.42 -16.58 28.16
C ARG A 312 4.63 -15.73 27.78
N GLU A 313 5.62 -16.32 27.11
CA GLU A 313 6.82 -15.58 26.68
C GLU A 313 6.64 -14.66 25.43
N SER A 314 5.45 -14.61 24.83
CA SER A 314 5.17 -13.63 23.77
C SER A 314 3.70 -13.30 23.67
N LYS A 315 3.39 -12.16 23.06
CA LYS A 315 1.99 -11.77 22.80
C LYS A 315 1.30 -12.77 21.86
N LEU A 316 2.00 -13.21 20.82
CA LEU A 316 1.41 -14.08 19.80
C LEU A 316 0.92 -15.38 20.41
N THR A 317 1.75 -15.96 21.27
CA THR A 317 1.48 -17.29 21.79
C THR A 317 0.46 -17.28 22.95
N ARG A 318 0.34 -16.14 23.63
CA ARG A 318 -0.73 -15.92 24.60
C ARG A 318 -2.08 -15.79 23.88
N ILE A 319 -2.13 -14.93 22.86
CA ILE A 319 -3.37 -14.75 22.08
C ILE A 319 -3.79 -16.08 21.45
N LEU A 320 -2.82 -16.85 20.94
CA LEU A 320 -3.16 -18.06 20.19
C LEU A 320 -2.94 -19.36 20.95
N GLN A 321 -2.90 -19.27 22.29
CA GLN A 321 -2.62 -20.43 23.15
C GLN A 321 -3.50 -21.62 22.83
N ASP A 322 -4.81 -21.38 22.72
CA ASP A 322 -5.76 -22.47 22.41
C ASP A 322 -5.56 -23.11 21.03
N SER A 323 -4.92 -22.39 20.11
CA SER A 323 -4.60 -22.94 18.78
C SER A 323 -3.38 -23.86 18.76
N LEU A 324 -2.68 -23.94 19.88
CA LEU A 324 -1.42 -24.66 19.98
C LEU A 324 -1.47 -25.68 21.13
N GLY A 325 -2.03 -26.86 20.85
CA GLY A 325 -2.20 -27.92 21.85
C GLY A 325 -3.44 -27.71 22.74
N GLY A 326 -4.35 -26.85 22.28
CA GLY A 326 -5.60 -26.56 22.97
C GLY A 326 -6.78 -27.22 22.30
N ARG A 327 -7.95 -26.58 22.33
CA ARG A 327 -9.17 -27.20 21.82
C ARG A 327 -9.68 -26.57 20.52
N THR A 328 -8.75 -26.09 19.71
CA THR A 328 -9.07 -25.45 18.43
C THR A 328 -8.57 -26.40 17.36
N ARG A 329 -9.27 -26.49 16.22
CA ARG A 329 -8.71 -27.27 15.11
C ARG A 329 -7.71 -26.41 14.35
N THR A 330 -6.45 -26.82 14.31
CA THR A 330 -5.40 -25.97 13.70
C THR A 330 -4.79 -26.58 12.45
N SER A 331 -4.60 -25.74 11.44
CA SER A 331 -3.91 -26.08 10.20
C SER A 331 -2.80 -25.07 9.95
N ILE A 332 -1.72 -25.55 9.35
CA ILE A 332 -0.61 -24.70 8.95
C ILE A 332 -0.41 -24.77 7.44
N ILE A 333 -0.33 -23.62 6.79
CA ILE A 333 0.02 -23.60 5.35
C ILE A 333 1.41 -23.05 5.26
N ALA A 334 2.35 -23.94 4.97
CA ALA A 334 3.72 -23.56 4.80
C ALA A 334 4.00 -23.20 3.33
N THR A 335 4.49 -21.98 3.10
CA THR A 335 4.77 -21.47 1.75
C THR A 335 6.24 -21.53 1.43
N ILE A 336 6.55 -21.96 0.20
CA ILE A 336 7.93 -22.17 -0.23
C ILE A 336 8.15 -21.63 -1.64
N SER A 337 9.42 -21.55 -2.03
CA SER A 337 9.83 -21.00 -3.30
C SER A 337 10.38 -22.17 -4.15
N PRO A 338 10.19 -22.08 -5.49
CA PRO A 338 10.74 -23.04 -6.43
C PRO A 338 12.19 -22.75 -6.81
N ALA A 339 12.70 -21.57 -6.44
CA ALA A 339 13.99 -21.07 -6.87
C ALA A 339 15.18 -21.58 -6.04
N SER A 340 16.32 -21.79 -6.69
CA SER A 340 17.49 -22.42 -6.05
C SER A 340 18.20 -21.47 -5.08
N LEU A 341 18.05 -20.18 -5.38
CA LEU A 341 18.51 -19.09 -4.55
C LEU A 341 17.92 -19.20 -3.12
N ASN A 342 16.72 -19.77 -3.03
CA ASN A 342 16.01 -19.90 -1.76
C ASN A 342 16.17 -21.26 -1.09
N LEU A 343 17.08 -22.10 -1.61
CA LEU A 343 17.22 -23.47 -1.09
C LEU A 343 17.31 -23.57 0.45
N GLU A 344 18.21 -22.83 1.07
CA GLU A 344 18.42 -22.90 2.52
C GLU A 344 17.14 -22.60 3.29
N GLU A 345 16.39 -21.58 2.86
CA GLU A 345 15.18 -21.17 3.58
C GLU A 345 14.02 -22.11 3.30
N THR A 346 13.96 -22.63 2.09
CA THR A 346 12.96 -23.63 1.77
C THR A 346 13.10 -24.89 2.66
N LEU A 347 14.31 -25.39 2.84
CA LEU A 347 14.51 -26.55 3.73
C LEU A 347 14.19 -26.26 5.18
N SER A 348 14.61 -25.09 5.65
CA SER A 348 14.23 -24.62 6.99
C SER A 348 12.72 -24.62 7.18
N THR A 349 11.99 -24.07 6.20
CA THR A 349 10.52 -24.02 6.27
C THR A 349 9.91 -25.43 6.31
N LEU A 350 10.42 -26.30 5.44
CA LEU A 350 9.93 -27.69 5.33
C LEU A 350 10.15 -28.50 6.62
N GLU A 351 11.33 -28.39 7.20
CA GLU A 351 11.68 -29.07 8.45
C GLU A 351 10.82 -28.56 9.63
N TYR A 352 10.66 -27.25 9.70
CA TYR A 352 9.86 -26.58 10.71
C TYR A 352 8.42 -27.06 10.68
N ALA A 353 7.84 -27.01 9.47
CA ALA A 353 6.46 -27.44 9.24
C ALA A 353 6.26 -28.93 9.50
N HIS A 354 7.22 -29.74 9.07
CA HIS A 354 7.15 -31.17 9.28
C HIS A 354 7.10 -31.56 10.78
N ARG A 355 7.94 -30.92 11.59
CA ARG A 355 7.91 -31.10 13.05
C ARG A 355 6.49 -30.94 13.61
N ALA A 356 5.78 -29.93 13.12
CA ALA A 356 4.51 -29.46 13.67
C ALA A 356 3.33 -30.42 13.48
N LYS A 357 3.45 -31.35 12.54
CA LYS A 357 2.46 -32.41 12.33
C LYS A 357 2.22 -33.27 13.59
N ASN A 358 3.18 -33.28 14.50
CA ASN A 358 3.12 -34.10 15.70
C ASN A 358 2.42 -33.42 16.87
N ILE A 359 1.88 -32.22 16.63
CA ILE A 359 1.16 -31.50 17.67
C ILE A 359 -0.27 -32.01 17.77
N LEU A 360 -0.67 -32.40 18.98
CA LEU A 360 -2.02 -32.91 19.21
C LEU A 360 -2.95 -31.87 19.82
N ASN A 361 -4.07 -31.62 19.13
CA ASN A 361 -5.09 -30.70 19.59
C ASN A 361 -6.36 -31.47 19.94
N LYS A 362 -7.35 -30.78 20.50
CA LYS A 362 -8.61 -31.43 20.90
C LYS A 362 -9.83 -30.58 20.51
N GLY B 16 11.31 38.15 -16.50
CA GLY B 16 10.73 36.78 -16.27
C GLY B 16 9.37 36.80 -15.59
N LYS B 17 8.53 35.84 -15.94
CA LYS B 17 7.21 35.72 -15.31
C LYS B 17 7.32 34.97 -13.96
N ASN B 18 6.53 35.40 -12.98
CA ASN B 18 6.53 34.75 -11.69
C ASN B 18 5.90 33.37 -11.75
N ILE B 19 6.51 32.44 -11.03
CA ILE B 19 5.97 31.14 -10.66
C ILE B 19 4.52 31.28 -10.13
N GLN B 20 3.66 30.30 -10.41
CA GLN B 20 2.31 30.28 -9.88
C GLN B 20 2.29 29.53 -8.55
N VAL B 21 1.70 30.12 -7.51
CA VAL B 21 1.64 29.50 -6.19
C VAL B 21 0.19 29.49 -5.72
N VAL B 22 -0.29 28.29 -5.38
CA VAL B 22 -1.66 28.10 -4.91
C VAL B 22 -1.66 27.33 -3.60
N VAL B 23 -2.77 27.43 -2.86
CA VAL B 23 -2.86 26.78 -1.57
C VAL B 23 -4.11 25.93 -1.51
N ARG B 24 -3.96 24.68 -1.06
CA ARG B 24 -5.09 23.84 -0.78
C ARG B 24 -5.15 23.39 0.69
N CYS B 25 -6.26 23.70 1.35
CA CYS B 25 -6.56 23.20 2.66
C CYS B 25 -7.39 21.93 2.54
N ARG B 26 -7.04 20.89 3.31
CA ARG B 26 -7.82 19.65 3.39
C ARG B 26 -9.00 19.85 4.33
N PRO B 27 -10.06 19.02 4.18
CA PRO B 27 -11.14 19.05 5.18
C PRO B 27 -10.74 18.34 6.47
N PHE B 28 -11.47 18.60 7.55
CA PHE B 28 -11.37 17.77 8.75
C PHE B 28 -11.70 16.32 8.39
N ASN B 29 -11.12 15.38 9.13
CA ASN B 29 -11.41 13.96 8.92
C ASN B 29 -12.49 13.47 9.89
N LEU B 30 -12.97 12.25 9.68
CA LEU B 30 -14.01 11.65 10.53
C LEU B 30 -13.79 11.86 12.04
N ALA B 31 -12.53 11.75 12.49
CA ALA B 31 -12.20 11.84 13.91
C ALA B 31 -12.17 13.27 14.43
N GLU B 32 -11.77 14.21 13.57
CA GLU B 32 -11.76 15.63 13.91
C GLU B 32 -13.17 16.18 14.04
N ARG B 33 -14.09 15.70 13.20
CA ARG B 33 -15.49 16.13 13.26
C ARG B 33 -16.17 15.57 14.52
N LYS B 34 -15.79 14.35 14.89
CA LYS B 34 -16.25 13.71 16.12
C LYS B 34 -15.73 14.45 17.36
N ALA B 35 -14.57 15.10 17.21
CA ALA B 35 -14.02 15.91 18.29
C ALA B 35 -14.53 17.36 18.23
N SER B 36 -15.55 17.60 17.39
CA SER B 36 -16.13 18.93 17.16
C SER B 36 -15.07 20.00 16.89
N ALA B 37 -14.09 19.65 16.06
CA ALA B 37 -12.91 20.47 15.81
C ALA B 37 -13.18 21.84 15.16
N HIS B 38 -12.26 22.74 15.45
CA HIS B 38 -12.36 24.18 15.29
C HIS B 38 -11.33 24.63 14.26
N SER B 39 -11.77 25.02 13.08
CA SER B 39 -10.87 25.45 12.00
C SER B 39 -10.10 26.75 12.31
N ILE B 40 -8.78 26.69 12.25
CA ILE B 40 -7.95 27.90 12.44
C ILE B 40 -7.63 28.54 11.10
N VAL B 41 -8.21 27.99 10.04
CA VAL B 41 -7.94 28.42 8.68
C VAL B 41 -9.23 28.96 8.05
N GLU B 42 -9.11 30.13 7.43
CA GLU B 42 -10.17 30.68 6.62
C GLU B 42 -9.59 30.98 5.25
N CYS B 43 -10.22 30.43 4.21
CA CYS B 43 -9.83 30.70 2.82
C CYS B 43 -10.89 31.53 2.11
N ASP B 44 -10.44 32.55 1.38
CA ASP B 44 -11.32 33.43 0.61
C ASP B 44 -10.93 33.39 -0.87
N PRO B 45 -11.58 32.50 -1.65
CA PRO B 45 -11.27 32.21 -3.05
C PRO B 45 -11.36 33.38 -4.02
N VAL B 46 -12.23 34.35 -3.73
CA VAL B 46 -12.38 35.52 -4.60
C VAL B 46 -11.37 36.64 -4.29
N ARG B 47 -10.98 36.79 -3.02
CA ARG B 47 -9.84 37.64 -2.66
C ARG B 47 -8.52 36.90 -2.80
N LYS B 48 -8.58 35.61 -3.10
CA LYS B 48 -7.40 34.76 -3.32
C LYS B 48 -6.49 34.77 -2.09
N GLU B 49 -7.11 34.61 -0.93
CA GLU B 49 -6.46 34.86 0.36
C GLU B 49 -6.70 33.74 1.38
N VAL B 50 -5.69 33.46 2.19
CA VAL B 50 -5.83 32.53 3.32
C VAL B 50 -5.42 33.20 4.62
N SER B 51 -6.26 33.01 5.64
CA SER B 51 -6.08 33.62 6.95
C SER B 51 -6.05 32.58 8.08
N VAL B 52 -5.02 32.67 8.91
CA VAL B 52 -4.74 31.69 9.97
C VAL B 52 -4.82 32.33 11.35
N ARG B 53 -5.61 31.73 12.24
CA ARG B 53 -5.63 32.20 13.63
C ARG B 53 -4.41 31.70 14.41
N THR B 54 -3.64 32.66 14.93
CA THR B 54 -2.38 32.37 15.61
C THR B 54 -2.45 32.42 17.14
N GLY B 55 -3.52 33.02 17.67
CA GLY B 55 -3.74 33.19 19.11
C GLY B 55 -5.12 33.78 19.37
N GLY B 56 -5.50 33.88 20.65
CA GLY B 56 -6.89 34.20 21.03
C GLY B 56 -7.82 33.02 20.76
N LEU B 57 -9.14 33.25 20.91
CA LEU B 57 -10.14 32.18 20.77
C LEU B 57 -11.48 32.60 20.11
N ALA B 58 -12.49 32.88 20.94
CA ALA B 58 -13.82 33.23 20.46
C ALA B 58 -13.89 34.67 19.94
N ASP B 59 -13.75 35.64 20.85
CA ASP B 59 -14.06 37.03 20.52
C ASP B 59 -12.86 37.98 20.32
N LYS B 60 -11.65 37.43 20.17
CA LYS B 60 -10.43 38.25 20.11
C LYS B 60 -9.22 37.41 19.69
N SER B 61 -8.62 37.75 18.55
CA SER B 61 -7.57 36.94 17.96
C SER B 61 -6.51 37.72 17.19
N SER B 62 -5.27 37.25 17.28
CA SER B 62 -4.26 37.58 16.31
C SER B 62 -4.57 36.70 15.10
N ARG B 63 -4.28 37.21 13.92
CA ARG B 63 -4.38 36.41 12.70
C ARG B 63 -3.18 36.70 11.81
N LYS B 64 -2.97 35.83 10.83
CA LYS B 64 -1.95 36.01 9.81
C LYS B 64 -2.60 35.67 8.46
N THR B 65 -2.56 36.60 7.51
CA THR B 65 -3.20 36.38 6.21
C THR B 65 -2.21 36.50 5.04
N TYR B 66 -2.49 35.75 3.98
CA TYR B 66 -1.57 35.60 2.85
C TYR B 66 -2.38 35.64 1.58
N THR B 67 -1.84 36.30 0.55
CA THR B 67 -2.44 36.31 -0.78
C THR B 67 -1.63 35.40 -1.71
N PHE B 68 -2.34 34.54 -2.44
CA PHE B 68 -1.71 33.64 -3.42
C PHE B 68 -2.47 33.75 -4.75
N ASP B 69 -1.91 33.15 -5.81
CA ASP B 69 -2.56 33.19 -7.12
C ASP B 69 -3.96 32.58 -7.14
N MET B 70 -4.14 31.46 -6.45
CA MET B 70 -5.45 30.87 -6.16
C MET B 70 -5.44 30.26 -4.75
N VAL B 71 -6.62 30.15 -4.13
CA VAL B 71 -6.76 29.36 -2.92
C VAL B 71 -7.95 28.38 -3.00
N PHE B 72 -7.73 27.20 -2.45
CA PHE B 72 -8.71 26.14 -2.50
C PHE B 72 -9.04 25.69 -1.08
N GLY B 73 -10.23 26.05 -0.63
CA GLY B 73 -10.69 25.75 0.72
C GLY B 73 -10.94 24.27 0.91
N ALA B 74 -11.29 23.89 2.14
CA ALA B 74 -11.44 22.50 2.51
C ALA B 74 -12.52 21.74 1.72
N SER B 75 -13.44 22.47 1.09
CA SER B 75 -14.54 21.86 0.33
C SER B 75 -14.23 21.68 -1.16
N THR B 76 -13.10 22.23 -1.60
CA THR B 76 -12.66 22.07 -2.99
C THR B 76 -12.57 20.60 -3.35
N LYS B 77 -12.99 20.26 -4.57
CA LYS B 77 -12.91 18.89 -5.04
C LYS B 77 -11.79 18.74 -6.07
N GLN B 78 -11.48 17.50 -6.40
CA GLN B 78 -10.41 17.16 -7.32
C GLN B 78 -10.63 17.75 -8.72
N ILE B 79 -11.86 17.62 -9.23
CA ILE B 79 -12.20 18.21 -10.53
C ILE B 79 -11.95 19.72 -10.53
N ASP B 80 -12.39 20.39 -9.46
CA ASP B 80 -12.15 21.83 -9.26
C ASP B 80 -10.66 22.20 -9.36
N VAL B 81 -9.79 21.47 -8.67
CA VAL B 81 -8.32 21.67 -8.76
C VAL B 81 -7.81 21.41 -10.18
N TYR B 82 -8.31 20.34 -10.81
CA TYR B 82 -7.84 19.99 -12.14
C TYR B 82 -8.22 21.06 -13.18
N ARG B 83 -9.49 21.46 -13.16
CA ARG B 83 -9.95 22.53 -14.08
C ARG B 83 -9.22 23.88 -13.89
N SER B 84 -9.15 24.37 -12.64
CA SER B 84 -8.48 25.64 -12.33
C SER B 84 -6.99 25.66 -12.59
N VAL B 85 -6.26 24.66 -12.13
CA VAL B 85 -4.81 24.73 -12.27
C VAL B 85 -4.21 23.88 -13.37
N VAL B 86 -4.73 22.67 -13.58
CA VAL B 86 -4.08 21.76 -14.51
C VAL B 86 -4.44 22.02 -15.99
N CYS B 87 -5.73 22.23 -16.27
CA CYS B 87 -6.19 22.48 -17.67
C CYS B 87 -5.36 23.48 -18.47
N PRO B 88 -5.16 24.70 -17.93
CA PRO B 88 -4.23 25.69 -18.52
C PRO B 88 -2.80 25.21 -18.73
N ILE B 89 -2.23 24.52 -17.74
CA ILE B 89 -0.88 23.96 -17.85
C ILE B 89 -0.79 22.90 -18.95
N LEU B 90 -1.75 21.98 -18.99
CA LEU B 90 -1.77 20.95 -20.02
C LEU B 90 -1.82 21.53 -21.45
N ASP B 91 -2.49 22.67 -21.61
CA ASP B 91 -2.53 23.39 -22.89
C ASP B 91 -1.15 23.93 -23.27
N GLU B 92 -0.43 24.44 -22.26
CA GLU B 92 0.94 24.91 -22.45
C GLU B 92 1.84 23.78 -22.93
N VAL B 93 1.71 22.61 -22.29
CA VAL B 93 2.45 21.40 -22.65
C VAL B 93 2.18 21.00 -24.11
N ILE B 94 0.91 21.00 -24.50
CA ILE B 94 0.56 20.68 -25.90
C ILE B 94 1.08 21.73 -26.91
N MET B 95 1.26 22.97 -26.47
CA MET B 95 1.92 24.00 -27.28
C MET B 95 3.43 23.79 -27.39
N GLY B 96 3.96 22.78 -26.70
CA GLY B 96 5.37 22.43 -26.83
C GLY B 96 6.24 23.07 -25.75
N TYR B 97 5.64 23.39 -24.62
CA TYR B 97 6.41 23.91 -23.48
C TYR B 97 6.59 22.87 -22.38
N ASN B 98 7.66 23.02 -21.61
CA ASN B 98 7.89 22.21 -20.42
C ASN B 98 7.26 22.91 -19.22
N CYS B 99 6.59 22.11 -18.38
CA CYS B 99 5.86 22.60 -17.18
C CYS B 99 6.10 21.63 -16.01
N THR B 100 6.12 22.17 -14.79
CA THR B 100 6.28 21.38 -13.56
C THR B 100 5.29 21.85 -12.52
N ILE B 101 4.56 20.90 -11.94
CA ILE B 101 3.77 21.18 -10.74
C ILE B 101 4.41 20.48 -9.52
N PHE B 102 4.71 21.25 -8.47
CA PHE B 102 5.17 20.70 -7.16
C PHE B 102 4.02 20.69 -6.17
N ALA B 103 3.94 19.64 -5.34
CA ALA B 103 3.12 19.67 -4.12
C ALA B 103 4.05 19.72 -2.91
N TYR B 104 3.81 20.70 -2.03
CA TYR B 104 4.66 21.00 -0.87
C TYR B 104 3.72 21.11 0.34
N GLY B 105 4.15 20.57 1.47
CA GLY B 105 3.36 20.60 2.69
C GLY B 105 3.74 19.49 3.66
N GLN B 106 3.30 19.60 4.92
CA GLN B 106 3.68 18.61 5.92
C GLN B 106 2.94 17.30 5.61
N THR B 107 3.51 16.17 6.04
CA THR B 107 2.84 14.88 5.97
C THR B 107 1.44 15.00 6.53
N GLY B 108 0.46 14.53 5.78
CA GLY B 108 -0.92 14.46 6.24
C GLY B 108 -1.83 15.55 5.71
N THR B 109 -1.32 16.43 4.85
CA THR B 109 -2.10 17.59 4.38
C THR B 109 -2.70 17.42 2.99
N GLY B 110 -2.33 16.34 2.32
CA GLY B 110 -2.95 15.96 1.06
C GLY B 110 -2.14 16.15 -0.20
N LYS B 111 -0.81 16.08 -0.09
CA LYS B 111 0.05 16.08 -1.28
C LYS B 111 -0.25 14.92 -2.22
N THR B 112 -0.25 13.69 -1.67
CA THR B 112 -0.53 12.49 -2.48
C THR B 112 -1.99 12.47 -2.95
N PHE B 113 -2.88 12.89 -2.06
CA PHE B 113 -4.28 13.03 -2.43
C PHE B 113 -4.45 13.90 -3.66
N THR B 114 -3.79 15.05 -3.65
CA THR B 114 -3.88 16.01 -4.75
C THR B 114 -3.24 15.48 -6.05
N MET B 115 -2.01 14.97 -5.95
CA MET B 115 -1.25 14.56 -7.13
C MET B 115 -1.76 13.25 -7.74
N GLU B 116 -2.21 12.31 -6.90
CA GLU B 116 -2.60 10.95 -7.33
C GLU B 116 -4.08 10.66 -7.13
N GLY B 117 -4.58 11.04 -5.96
CA GLY B 117 -5.97 10.82 -5.61
C GLY B 117 -6.16 9.45 -4.99
N GLU B 118 -7.42 9.07 -4.78
CA GLU B 118 -7.79 7.80 -4.18
C GLU B 118 -8.94 7.16 -4.96
N ARG B 119 -9.23 5.89 -4.66
CA ARG B 119 -10.41 5.24 -5.20
C ARG B 119 -11.58 5.47 -4.28
N SER B 120 -12.72 5.83 -4.86
CA SER B 120 -13.95 5.87 -4.09
C SER B 120 -14.25 4.45 -3.58
N PRO B 121 -14.69 4.33 -2.33
CA PRO B 121 -14.99 3.04 -1.70
C PRO B 121 -16.00 2.15 -2.46
N ASN B 122 -15.93 0.85 -2.16
CA ASN B 122 -16.90 -0.15 -2.61
C ASN B 122 -17.04 -0.37 -4.11
N GLU B 123 -15.95 -0.12 -4.86
CA GLU B 123 -15.91 -0.32 -6.31
C GLU B 123 -17.05 0.41 -7.02
N GLU B 124 -17.30 1.64 -6.60
CA GLU B 124 -18.41 2.40 -7.10
C GLU B 124 -18.19 2.95 -8.51
N TYR B 125 -16.94 3.31 -8.83
CA TYR B 125 -16.60 3.93 -10.12
C TYR B 125 -15.47 3.18 -10.84
N THR B 126 -15.40 3.36 -12.15
CA THR B 126 -14.19 2.99 -12.90
C THR B 126 -13.19 4.11 -12.69
N TRP B 127 -11.95 3.89 -13.12
CA TRP B 127 -10.87 4.82 -12.82
C TRP B 127 -11.06 6.20 -13.47
N GLU B 128 -11.59 6.20 -14.69
CA GLU B 128 -11.77 7.43 -15.46
C GLU B 128 -12.91 8.30 -14.94
N GLU B 129 -13.84 7.68 -14.21
CA GLU B 129 -15.00 8.36 -13.67
C GLU B 129 -14.92 8.64 -12.17
N ASP B 130 -13.83 8.21 -11.52
CA ASP B 130 -13.71 8.36 -10.06
C ASP B 130 -13.54 9.85 -9.71
N PRO B 131 -14.47 10.39 -8.90
CA PRO B 131 -14.37 11.77 -8.47
C PRO B 131 -13.18 12.06 -7.53
N LEU B 132 -12.58 11.01 -6.97
CA LEU B 132 -11.45 11.16 -6.04
C LEU B 132 -10.11 11.04 -6.76
N ALA B 133 -10.17 10.85 -8.09
CA ALA B 133 -8.97 10.86 -8.94
C ALA B 133 -8.21 12.17 -8.83
N GLY B 134 -6.88 12.10 -8.83
CA GLY B 134 -6.06 13.30 -8.73
C GLY B 134 -5.51 13.77 -10.06
N ILE B 135 -4.46 14.59 -9.97
CA ILE B 135 -3.89 15.27 -11.14
C ILE B 135 -3.30 14.30 -12.17
N ILE B 136 -2.55 13.30 -11.72
CA ILE B 136 -1.92 12.34 -12.63
C ILE B 136 -2.92 11.52 -13.48
N PRO B 137 -3.92 10.84 -12.87
CA PRO B 137 -4.85 10.09 -13.75
C PRO B 137 -5.64 10.97 -14.75
N ARG B 138 -6.23 12.06 -14.26
CA ARG B 138 -6.91 13.06 -15.10
C ARG B 138 -6.08 13.55 -16.28
N THR B 139 -4.87 14.03 -15.99
CA THR B 139 -3.93 14.48 -17.02
C THR B 139 -3.78 13.46 -18.16
N LEU B 140 -3.47 12.21 -17.80
CA LEU B 140 -3.27 11.12 -18.77
C LEU B 140 -4.52 10.80 -19.59
N HIS B 141 -5.67 10.72 -18.93
CA HIS B 141 -6.96 10.57 -19.58
C HIS B 141 -7.28 11.71 -20.57
N GLN B 142 -6.85 12.93 -20.24
CA GLN B 142 -7.21 14.10 -21.04
C GLN B 142 -6.30 14.42 -22.23
N ILE B 143 -5.04 14.00 -22.18
CA ILE B 143 -4.17 14.10 -23.35
C ILE B 143 -4.80 13.40 -24.56
N PHE B 144 -5.28 12.17 -24.35
CA PHE B 144 -5.93 11.41 -25.41
C PHE B 144 -7.20 12.09 -25.96
N GLU B 145 -7.97 12.71 -25.08
CA GLU B 145 -9.18 13.45 -25.45
C GLU B 145 -8.81 14.66 -26.32
N LYS B 146 -7.96 15.53 -25.77
CA LYS B 146 -7.54 16.78 -26.42
C LYS B 146 -6.96 16.59 -27.82
N LEU B 147 -6.23 15.50 -28.01
CA LEU B 147 -5.51 15.26 -29.26
C LEU B 147 -6.18 14.17 -30.12
N THR B 148 -7.47 13.94 -29.92
CA THR B 148 -8.16 12.79 -30.53
C THR B 148 -8.19 12.83 -32.08
N ASP B 149 -8.64 13.95 -32.65
CA ASP B 149 -8.77 14.06 -34.11
C ASP B 149 -8.49 15.47 -34.70
N ASN B 150 -7.59 16.20 -34.04
CA ASN B 150 -7.27 17.58 -34.43
C ASN B 150 -6.17 17.69 -35.50
N GLY B 151 -5.62 16.55 -35.92
CA GLY B 151 -4.56 16.54 -36.92
C GLY B 151 -3.14 16.49 -36.40
N THR B 152 -2.99 16.44 -35.08
CA THR B 152 -1.68 16.26 -34.44
C THR B 152 -1.44 14.76 -34.15
N GLU B 153 -0.54 14.14 -34.90
CA GLU B 153 -0.07 12.80 -34.56
C GLU B 153 0.76 12.94 -33.30
N PHE B 154 0.53 12.05 -32.33
CA PHE B 154 1.25 12.14 -31.05
C PHE B 154 1.53 10.78 -30.40
N SER B 155 2.63 10.74 -29.63
CA SER B 155 2.90 9.67 -28.68
C SER B 155 3.07 10.22 -27.25
N VAL B 156 2.65 9.43 -26.27
CA VAL B 156 2.86 9.73 -24.85
C VAL B 156 3.83 8.71 -24.23
N LYS B 157 4.71 9.20 -23.37
CA LYS B 157 5.62 8.36 -22.62
C LYS B 157 5.71 8.83 -21.15
N VAL B 158 5.59 7.90 -20.21
CA VAL B 158 5.67 8.19 -18.77
C VAL B 158 6.90 7.54 -18.12
N SER B 159 7.50 8.23 -17.14
CA SER B 159 8.43 7.62 -16.21
C SER B 159 8.12 8.02 -14.77
N LEU B 160 8.59 7.24 -13.80
CA LEU B 160 8.46 7.62 -12.40
C LEU B 160 9.79 7.43 -11.72
N LEU B 161 10.47 8.55 -11.49
CA LEU B 161 11.76 8.57 -10.83
C LEU B 161 11.49 9.05 -9.41
N GLU B 162 12.05 8.32 -8.44
CA GLU B 162 11.83 8.66 -7.05
C GLU B 162 13.17 8.75 -6.34
N ILE B 163 13.19 9.55 -5.28
CA ILE B 163 14.43 9.87 -4.57
C ILE B 163 14.23 9.57 -3.07
N TYR B 164 15.07 8.71 -2.51
CA TYR B 164 15.08 8.44 -1.08
C TYR B 164 16.52 8.41 -0.61
N ASN B 165 16.82 9.22 0.40
CA ASN B 165 18.17 9.33 0.90
C ASN B 165 19.21 9.60 -0.17
N GLU B 166 18.85 10.43 -1.16
CA GLU B 166 19.77 10.80 -2.25
C GLU B 166 20.10 9.65 -3.19
N GLU B 167 19.35 8.56 -3.13
CA GLU B 167 19.47 7.52 -4.13
C GLU B 167 18.22 7.50 -4.99
N LEU B 168 18.37 6.98 -6.20
CA LEU B 168 17.32 7.07 -7.21
C LEU B 168 16.71 5.71 -7.52
N PHE B 169 15.40 5.70 -7.72
CA PHE B 169 14.61 4.50 -7.93
C PHE B 169 13.60 4.67 -9.07
N ASP B 170 13.46 3.62 -9.90
CA ASP B 170 12.43 3.54 -10.94
C ASP B 170 11.21 2.84 -10.37
N LEU B 171 10.08 3.55 -10.24
CA LEU B 171 8.86 2.91 -9.74
C LEU B 171 7.86 2.47 -10.81
N LEU B 172 8.27 2.44 -12.07
CA LEU B 172 7.31 2.00 -13.10
C LEU B 172 7.76 0.77 -13.89
N ASN B 173 9.07 0.62 -14.12
CA ASN B 173 9.62 -0.48 -14.89
C ASN B 173 9.18 -1.87 -14.43
N PRO B 174 8.35 -2.57 -15.23
CA PRO B 174 7.90 -3.90 -14.84
C PRO B 174 9.04 -4.89 -14.98
N SER B 175 10.06 -4.50 -15.74
CA SER B 175 11.20 -5.35 -16.07
C SER B 175 12.43 -5.19 -15.17
N SER B 176 12.27 -4.50 -14.04
CA SER B 176 13.33 -4.39 -13.02
C SER B 176 12.76 -4.36 -11.60
N ASP B 177 13.59 -4.70 -10.61
CA ASP B 177 13.18 -4.63 -9.21
C ASP B 177 13.37 -3.21 -8.64
N VAL B 178 12.38 -2.72 -7.88
CA VAL B 178 12.48 -1.37 -7.27
C VAL B 178 13.79 -1.07 -6.55
N SER B 179 14.33 -2.07 -5.85
CA SER B 179 15.50 -1.88 -4.97
C SER B 179 16.77 -1.46 -5.69
N GLU B 180 16.79 -1.61 -7.02
CA GLU B 180 17.96 -1.23 -7.82
C GLU B 180 18.14 0.28 -7.95
N ARG B 181 19.22 0.79 -7.36
CA ARG B 181 19.65 2.18 -7.51
C ARG B 181 19.98 2.53 -8.96
N LEU B 182 19.47 3.67 -9.42
CA LEU B 182 19.86 4.21 -10.73
C LEU B 182 21.02 5.17 -10.51
N GLN B 183 21.74 5.48 -11.59
CA GLN B 183 22.84 6.42 -11.55
C GLN B 183 22.45 7.63 -12.42
N MET B 184 22.82 8.85 -11.98
CA MET B 184 22.58 10.03 -12.79
C MET B 184 23.87 10.68 -13.33
N PHE B 185 23.78 11.26 -14.52
CA PHE B 185 24.93 11.90 -15.18
C PHE B 185 24.47 13.21 -15.81
N ASP B 186 25.40 14.16 -15.96
CA ASP B 186 25.17 15.36 -16.79
C ASP B 186 24.90 15.01 -18.25
N ASP B 187 24.10 15.84 -18.91
CA ASP B 187 23.82 15.67 -20.32
C ASP B 187 24.75 16.59 -21.08
N PRO B 188 25.65 16.02 -21.91
CA PRO B 188 26.54 16.82 -22.78
C PRO B 188 25.76 17.72 -23.75
N ARG B 189 24.64 17.21 -24.26
CA ARG B 189 23.78 17.93 -25.20
C ARG B 189 22.78 18.91 -24.54
N ASN B 190 22.85 19.05 -23.21
CA ASN B 190 21.96 19.93 -22.43
C ASN B 190 22.59 20.29 -21.08
N LYS B 191 23.13 21.50 -20.95
CA LYS B 191 23.78 21.89 -19.67
C LYS B 191 22.90 22.22 -18.45
N ARG B 192 21.58 22.31 -18.64
CA ARG B 192 20.65 22.27 -17.49
C ARG B 192 20.02 20.88 -17.31
N GLY B 193 20.43 19.93 -18.17
CA GLY B 193 19.85 18.58 -18.21
C GLY B 193 20.70 17.46 -17.63
N VAL B 194 20.04 16.35 -17.30
CA VAL B 194 20.72 15.14 -16.81
C VAL B 194 20.28 13.89 -17.57
N ILE B 195 21.12 12.87 -17.50
CA ILE B 195 20.83 11.53 -18.03
C ILE B 195 20.71 10.55 -16.87
N ILE B 196 19.60 9.84 -16.79
CA ILE B 196 19.48 8.84 -15.76
C ILE B 196 19.58 7.41 -16.32
N LYS B 197 20.76 6.83 -16.14
CA LYS B 197 21.01 5.44 -16.50
C LYS B 197 20.09 4.53 -15.70
N GLY B 198 19.13 3.93 -16.39
CA GLY B 198 18.28 2.93 -15.78
C GLY B 198 16.80 3.23 -15.88
N LEU B 199 16.45 4.51 -15.97
CA LEU B 199 15.05 4.93 -15.94
C LEU B 199 14.34 4.57 -17.23
N GLU B 200 13.22 3.86 -17.07
CA GLU B 200 12.40 3.42 -18.18
C GLU B 200 11.25 4.37 -18.52
N GLU B 201 11.12 4.68 -19.81
CA GLU B 201 9.97 5.40 -20.30
C GLU B 201 8.99 4.36 -20.84
N ILE B 202 7.77 4.43 -20.35
CA ILE B 202 6.73 3.56 -20.81
C ILE B 202 5.79 4.31 -21.76
N THR B 203 5.58 3.72 -22.93
CA THR B 203 4.65 4.24 -23.92
C THR B 203 3.23 3.94 -23.49
N VAL B 204 2.41 4.98 -23.37
CA VAL B 204 0.99 4.79 -23.13
C VAL B 204 0.37 4.90 -24.52
N HIS B 205 0.10 3.75 -25.12
CA HIS B 205 -0.37 3.66 -26.51
C HIS B 205 -1.76 4.27 -26.67
N ASN B 206 -2.60 4.10 -25.66
CA ASN B 206 -3.94 4.66 -25.67
C ASN B 206 -4.48 4.84 -24.26
N LYS B 207 -5.67 5.41 -24.15
CA LYS B 207 -6.30 5.70 -22.87
C LYS B 207 -6.53 4.43 -22.01
N ASP B 208 -6.78 3.31 -22.67
CA ASP B 208 -7.20 2.06 -22.02
C ASP B 208 -5.99 1.28 -21.51
N GLU B 209 -4.81 1.85 -21.68
CA GLU B 209 -3.58 1.31 -21.08
C GLU B 209 -3.25 1.98 -19.76
N VAL B 210 -3.65 3.24 -19.61
CA VAL B 210 -3.32 4.04 -18.43
C VAL B 210 -3.38 3.25 -17.11
N TYR B 211 -4.56 2.76 -16.73
CA TYR B 211 -4.74 2.23 -15.37
C TYR B 211 -3.77 1.11 -15.00
N GLN B 212 -3.61 0.15 -15.92
CA GLN B 212 -2.78 -1.01 -15.67
C GLN B 212 -1.32 -0.63 -15.47
N ILE B 213 -0.88 0.39 -16.19
CA ILE B 213 0.47 0.92 -16.01
C ILE B 213 0.65 1.48 -14.60
N LEU B 214 -0.32 2.27 -14.13
CA LEU B 214 -0.30 2.83 -12.78
C LEU B 214 -0.33 1.74 -11.69
N GLU B 215 -1.15 0.70 -11.90
CA GLU B 215 -1.24 -0.44 -10.98
C GLU B 215 0.11 -1.11 -10.70
N LYS B 216 0.98 -1.14 -11.71
CA LYS B 216 2.31 -1.74 -11.54
C LYS B 216 3.24 -0.88 -10.68
N GLY B 217 3.11 0.42 -10.81
CA GLY B 217 3.76 1.37 -9.89
C GLY B 217 3.20 1.32 -8.47
N ALA B 218 1.87 1.28 -8.33
CA ALA B 218 1.23 1.11 -7.01
C ALA B 218 1.79 -0.10 -6.25
N ALA B 219 2.10 -1.17 -6.99
CA ALA B 219 2.70 -2.38 -6.41
C ALA B 219 4.17 -2.19 -6.01
N LYS B 220 4.93 -1.44 -6.78
CA LYS B 220 6.33 -1.22 -6.47
C LYS B 220 6.46 -0.26 -5.26
N ARG B 221 5.48 0.63 -5.11
CA ARG B 221 5.42 1.54 -3.98
C ARG B 221 5.30 0.80 -2.63
N THR B 222 4.54 -0.29 -2.63
CA THR B 222 4.34 -1.16 -1.45
C THR B 222 5.66 -1.84 -1.02
N THR B 223 6.40 -2.36 -1.99
CA THR B 223 7.71 -2.95 -1.69
C THR B 223 8.75 -1.94 -1.29
N ALA B 224 8.66 -0.72 -1.84
CA ALA B 224 9.53 0.36 -1.43
C ALA B 224 9.25 0.74 0.02
N ALA B 225 7.98 0.74 0.45
CA ALA B 225 7.62 0.98 1.86
C ALA B 225 8.17 -0.10 2.82
N THR B 226 8.14 -1.34 2.36
CA THR B 226 8.71 -2.49 3.08
C THR B 226 10.21 -2.34 3.28
N LEU B 227 10.94 -1.95 2.21
CA LEU B 227 12.41 -1.83 2.21
C LEU B 227 13.00 -0.60 2.85
N MET B 228 12.29 0.53 2.75
CA MET B 228 12.84 1.80 3.20
C MET B 228 11.97 2.47 4.24
N ASN B 229 12.63 2.90 5.30
CA ASN B 229 11.98 3.45 6.49
C ASN B 229 11.23 4.74 6.15
N ALA B 230 9.96 4.82 6.54
CA ALA B 230 9.11 6.00 6.28
C ALA B 230 9.18 6.44 4.82
N TYR B 231 9.24 5.47 3.90
CA TYR B 231 9.38 5.76 2.46
C TYR B 231 8.41 6.82 1.94
N SER B 232 7.10 6.66 2.18
CA SER B 232 6.07 7.58 1.67
C SER B 232 6.23 9.05 2.12
N SER B 233 6.84 9.26 3.28
CA SER B 233 7.00 10.60 3.87
C SER B 233 8.29 11.27 3.49
N ARG B 234 9.33 10.46 3.33
CA ARG B 234 10.69 11.01 3.14
C ARG B 234 11.13 11.04 1.69
N SER B 235 10.49 10.24 0.85
CA SER B 235 10.86 10.21 -0.56
C SER B 235 10.28 11.41 -1.34
N HIS B 236 10.94 11.77 -2.45
CA HIS B 236 10.38 12.69 -3.47
C HIS B 236 10.03 11.87 -4.72
N SER B 237 8.80 12.02 -5.29
CA SER B 237 8.50 11.41 -6.62
C SER B 237 8.38 12.42 -7.77
N VAL B 238 8.93 12.06 -8.92
CA VAL B 238 8.83 12.85 -10.14
C VAL B 238 8.13 12.03 -11.22
N PHE B 239 6.82 12.20 -11.34
CA PHE B 239 6.05 11.56 -12.41
C PHE B 239 6.09 12.42 -13.68
N SER B 240 6.78 11.92 -14.70
CA SER B 240 6.91 12.61 -15.96
C SER B 240 5.96 12.11 -17.04
N VAL B 241 5.38 13.04 -17.79
CA VAL B 241 4.75 12.71 -19.07
C VAL B 241 5.30 13.57 -20.24
N THR B 242 5.76 12.90 -21.28
CA THR B 242 6.32 13.54 -22.46
C THR B 242 5.44 13.27 -23.68
N ILE B 243 4.98 14.34 -24.33
CA ILE B 243 4.14 14.23 -25.54
C ILE B 243 4.98 14.67 -26.73
N HIS B 244 5.16 13.73 -27.67
CA HIS B 244 5.88 14.00 -28.91
C HIS B 244 4.81 14.25 -29.96
N MET B 245 4.83 15.43 -30.58
CA MET B 245 3.77 15.84 -31.52
C MET B 245 4.27 16.16 -32.94
N LYS B 246 3.43 15.84 -33.92
CA LYS B 246 3.74 16.07 -35.34
C LYS B 246 2.43 16.46 -36.06
N GLU B 247 2.41 17.69 -36.55
CA GLU B 247 1.35 18.22 -37.41
C GLU B 247 1.85 18.20 -38.84
N THR B 248 0.93 18.04 -39.80
CA THR B 248 1.25 18.17 -41.22
C THR B 248 0.42 19.34 -41.79
N THR B 249 1.10 20.31 -42.42
CA THR B 249 0.41 21.45 -43.04
C THR B 249 -0.30 21.07 -44.34
N ILE B 250 -1.06 22.00 -44.89
CA ILE B 250 -1.79 21.79 -46.14
C ILE B 250 -0.85 21.49 -47.32
N ASP B 251 0.40 21.96 -47.23
CA ASP B 251 1.44 21.67 -48.23
C ASP B 251 2.31 20.43 -47.92
N GLY B 252 2.01 19.73 -46.82
CA GLY B 252 2.70 18.49 -46.48
C GLY B 252 3.95 18.63 -45.61
N GLU B 253 4.27 19.86 -45.21
CA GLU B 253 5.38 20.11 -44.30
C GLU B 253 4.99 19.65 -42.89
N GLU B 254 5.93 19.00 -42.21
CA GLU B 254 5.69 18.53 -40.85
C GLU B 254 6.23 19.49 -39.80
N LEU B 255 5.44 19.69 -38.74
CA LEU B 255 5.83 20.55 -37.63
C LEU B 255 5.98 19.69 -36.39
N VAL B 256 7.11 19.84 -35.71
CA VAL B 256 7.42 19.00 -34.55
C VAL B 256 7.33 19.84 -33.28
N LYS B 257 6.68 19.29 -32.25
CA LYS B 257 6.76 19.88 -30.91
C LYS B 257 6.78 18.80 -29.85
N ILE B 258 7.49 19.09 -28.75
CA ILE B 258 7.60 18.18 -27.61
C ILE B 258 7.19 18.90 -26.34
N GLY B 259 6.24 18.32 -25.63
CA GLY B 259 5.84 18.87 -24.33
C GLY B 259 6.18 17.92 -23.19
N LYS B 260 6.79 18.45 -22.14
CA LYS B 260 7.02 17.64 -20.94
C LYS B 260 6.37 18.23 -19.69
N LEU B 261 5.67 17.37 -18.96
CA LEU B 261 5.05 17.73 -17.70
C LEU B 261 5.60 16.89 -16.55
N ASN B 262 6.25 17.56 -15.59
CA ASN B 262 6.69 16.96 -14.34
C ASN B 262 5.69 17.20 -13.21
N LEU B 263 5.22 16.10 -12.63
CA LEU B 263 4.37 16.16 -11.46
C LEU B 263 5.19 15.68 -10.25
N VAL B 264 5.52 16.62 -9.37
CA VAL B 264 6.52 16.40 -8.32
C VAL B 264 5.90 16.39 -6.94
N ASP B 265 5.95 15.23 -6.29
CA ASP B 265 5.39 15.07 -4.97
C ASP B 265 6.56 15.06 -3.99
N LEU B 266 6.73 16.18 -3.26
CA LEU B 266 7.90 16.35 -2.41
C LEU B 266 7.78 15.63 -1.07
N ALA B 267 8.94 15.32 -0.47
CA ALA B 267 9.00 14.84 0.93
C ALA B 267 8.23 15.81 1.83
N GLY B 268 7.64 15.28 2.91
CA GLY B 268 6.91 16.10 3.87
C GLY B 268 7.82 17.14 4.46
N SER B 269 7.31 18.38 4.53
CA SER B 269 8.10 19.53 4.98
C SER B 269 8.31 19.67 6.49
N GLU B 270 7.59 18.86 7.27
CA GLU B 270 7.61 18.96 8.75
C GLU B 270 8.98 18.78 9.38
N ASN B 271 9.26 19.58 10.41
CA ASN B 271 10.51 19.47 11.12
C ASN B 271 10.32 18.62 12.39
N ILE B 288 19.45 15.58 7.13
CA ILE B 288 18.88 14.28 6.74
C ILE B 288 18.07 14.22 5.42
N ASN B 289 17.38 15.30 5.03
CA ASN B 289 16.83 15.35 3.66
C ASN B 289 17.53 16.38 2.78
N GLN B 290 18.65 15.96 2.20
CA GLN B 290 19.49 16.83 1.41
C GLN B 290 18.76 17.48 0.22
N SER B 291 17.89 16.73 -0.44
CA SER B 291 17.10 17.25 -1.55
C SER B 291 16.10 18.30 -1.11
N LEU B 292 15.40 18.07 0.01
CA LEU B 292 14.46 19.06 0.54
C LEU B 292 15.18 20.31 1.04
N LEU B 293 16.28 20.12 1.75
CA LEU B 293 17.14 21.23 2.19
C LEU B 293 17.69 22.06 1.03
N THR B 294 18.17 21.39 -0.01
CA THR B 294 18.70 22.09 -1.16
C THR B 294 17.62 22.89 -1.91
N LEU B 295 16.41 22.31 -2.04
CA LEU B 295 15.28 22.99 -2.68
C LEU B 295 15.01 24.35 -2.06
N GLY B 296 15.09 24.41 -0.73
CA GLY B 296 14.86 25.64 0.03
C GLY B 296 15.96 26.66 -0.24
N ARG B 297 17.19 26.18 -0.35
CA ARG B 297 18.37 27.02 -0.52
C ARG B 297 18.44 27.57 -1.94
N VAL B 298 18.08 26.73 -2.92
CA VAL B 298 17.91 27.15 -4.31
C VAL B 298 16.84 28.24 -4.43
N ILE B 299 15.69 28.05 -3.79
CA ILE B 299 14.59 29.03 -3.81
C ILE B 299 15.02 30.35 -3.15
N THR B 300 15.73 30.25 -2.01
CA THR B 300 16.29 31.43 -1.34
C THR B 300 17.25 32.19 -2.27
N ALA B 301 18.16 31.46 -2.91
CA ALA B 301 19.15 32.09 -3.80
C ALA B 301 18.50 32.76 -5.04
N LEU B 302 17.39 32.20 -5.51
CA LEU B 302 16.66 32.76 -6.63
C LEU B 302 15.85 34.01 -6.24
N VAL B 303 15.20 33.97 -5.08
CA VAL B 303 14.40 35.11 -4.61
C VAL B 303 15.26 36.30 -4.13
N GLU B 304 16.49 36.02 -3.72
CA GLU B 304 17.38 37.07 -3.24
C GLU B 304 18.37 37.47 -4.33
N ARG B 305 18.20 36.87 -5.50
CA ARG B 305 19.19 36.89 -6.59
C ARG B 305 20.63 36.91 -6.11
N THR B 306 20.98 35.89 -5.33
CA THR B 306 22.36 35.52 -5.10
C THR B 306 22.88 35.02 -6.43
N PRO B 307 24.09 35.44 -6.86
CA PRO B 307 24.60 34.97 -8.16
C PRO B 307 24.70 33.44 -8.26
N HIS B 308 25.15 32.78 -7.19
CA HIS B 308 25.24 31.32 -7.21
C HIS B 308 24.01 30.65 -6.62
N VAL B 309 23.48 29.68 -7.38
CA VAL B 309 22.27 28.93 -7.00
C VAL B 309 22.67 27.47 -6.92
N PRO B 310 22.63 26.88 -5.72
CA PRO B 310 23.23 25.56 -5.48
C PRO B 310 22.46 24.34 -5.99
N TYR B 311 22.07 24.36 -7.27
CA TYR B 311 21.38 23.23 -7.91
C TYR B 311 22.11 21.92 -7.73
N ARG B 312 23.43 21.92 -7.91
CA ARG B 312 24.24 20.69 -7.92
C ARG B 312 24.35 20.00 -6.56
N GLU B 313 23.90 20.68 -5.49
CA GLU B 313 24.03 20.14 -4.13
C GLU B 313 23.03 19.02 -3.78
N SER B 314 22.15 18.65 -4.73
CA SER B 314 21.25 17.50 -4.52
C SER B 314 20.73 16.87 -5.82
N LYS B 315 20.22 15.65 -5.70
CA LYS B 315 19.60 14.93 -6.81
C LYS B 315 18.37 15.66 -7.33
N LEU B 316 17.49 16.10 -6.42
CA LEU B 316 16.21 16.68 -6.80
C LEU B 316 16.37 17.96 -7.63
N THR B 317 17.33 18.80 -7.24
CA THR B 317 17.52 20.12 -7.84
C THR B 317 18.36 20.07 -9.13
N ARG B 318 19.23 19.07 -9.23
CA ARG B 318 19.90 18.79 -10.50
C ARG B 318 18.88 18.27 -11.52
N ILE B 319 17.97 17.41 -11.08
CA ILE B 319 16.94 16.85 -11.98
C ILE B 319 15.93 17.94 -12.41
N LEU B 320 15.60 18.83 -11.50
CA LEU B 320 14.53 19.79 -11.74
C LEU B 320 15.06 21.21 -11.94
N GLN B 321 16.34 21.33 -12.27
CA GLN B 321 17.03 22.60 -12.46
C GLN B 321 16.24 23.63 -13.30
N ASP B 322 15.77 23.19 -14.47
CA ASP B 322 15.05 24.07 -15.38
C ASP B 322 13.71 24.57 -14.83
N SER B 323 13.14 23.82 -13.88
CA SER B 323 11.88 24.19 -13.25
C SER B 323 12.07 25.28 -12.18
N LEU B 324 13.32 25.58 -11.85
CA LEU B 324 13.62 26.48 -10.76
C LEU B 324 14.44 27.69 -11.26
N GLY B 325 13.73 28.70 -11.76
CA GLY B 325 14.39 29.89 -12.32
C GLY B 325 14.92 29.67 -13.74
N GLY B 326 14.47 28.59 -14.39
CA GLY B 326 14.82 28.30 -15.80
C GLY B 326 13.67 28.59 -16.78
N ARG B 327 13.58 27.81 -17.87
CA ARG B 327 12.61 28.05 -18.95
C ARG B 327 11.31 27.25 -18.85
N THR B 328 11.21 26.45 -17.80
CA THR B 328 10.04 25.64 -17.56
C THR B 328 9.03 26.49 -16.82
N ARG B 329 7.74 26.26 -17.06
CA ARG B 329 6.65 26.97 -16.42
C ARG B 329 6.25 26.21 -15.13
N THR B 330 6.38 26.84 -13.98
CA THR B 330 6.25 26.15 -12.67
C THR B 330 5.08 26.67 -11.83
N SER B 331 4.33 25.73 -11.24
CA SER B 331 3.35 26.00 -10.22
C SER B 331 3.67 25.18 -8.96
N ILE B 332 3.36 25.75 -7.80
CA ILE B 332 3.46 25.06 -6.52
C ILE B 332 2.06 25.01 -5.90
N ILE B 333 1.64 23.81 -5.54
CA ILE B 333 0.43 23.63 -4.72
C ILE B 333 0.93 23.39 -3.30
N ALA B 334 0.67 24.34 -2.42
CA ALA B 334 1.05 24.18 -1.03
C ALA B 334 -0.18 23.70 -0.31
N THR B 335 -0.04 22.55 0.33
CA THR B 335 -1.11 21.88 1.02
C THR B 335 -0.98 22.20 2.49
N ILE B 336 -2.11 22.43 3.16
CA ILE B 336 -2.16 22.79 4.58
C ILE B 336 -3.33 22.08 5.29
N SER B 337 -3.37 22.19 6.62
CA SER B 337 -4.38 21.58 7.48
C SER B 337 -5.21 22.66 8.17
N PRO B 338 -6.50 22.38 8.46
CA PRO B 338 -7.33 23.33 9.23
C PRO B 338 -7.20 23.21 10.76
N ALA B 339 -6.51 22.18 11.23
CA ALA B 339 -6.49 21.79 12.64
C ALA B 339 -5.46 22.61 13.43
N SER B 340 -5.82 23.01 14.66
CA SER B 340 -4.96 23.89 15.47
C SER B 340 -3.69 23.19 15.95
N LEU B 341 -3.76 21.86 16.02
CA LEU B 341 -2.60 20.98 16.25
C LEU B 341 -1.44 21.30 15.30
N ASN B 342 -1.78 21.62 14.06
CA ASN B 342 -0.82 21.83 12.98
C ASN B 342 -0.40 23.27 12.75
N LEU B 343 -0.70 24.16 13.72
CA LEU B 343 -0.49 25.60 13.52
C LEU B 343 0.90 26.00 13.01
N GLU B 344 1.94 25.59 13.74
CA GLU B 344 3.31 25.98 13.43
C GLU B 344 3.74 25.50 12.03
N GLU B 345 3.40 24.25 11.70
CA GLU B 345 3.69 23.71 10.37
C GLU B 345 2.89 24.39 9.28
N THR B 346 1.62 24.71 9.57
CA THR B 346 0.80 25.44 8.60
C THR B 346 1.41 26.81 8.26
N LEU B 347 1.76 27.59 9.29
CA LEU B 347 2.45 28.86 9.08
C LEU B 347 3.77 28.68 8.36
N SER B 348 4.54 27.68 8.77
CA SER B 348 5.79 27.38 8.09
C SER B 348 5.58 27.16 6.56
N THR B 349 4.57 26.35 6.21
CA THR B 349 4.23 26.07 4.79
C THR B 349 3.83 27.37 4.04
N LEU B 350 2.96 28.17 4.65
CA LEU B 350 2.44 29.38 4.01
C LEU B 350 3.53 30.39 3.76
N GLU B 351 4.41 30.58 4.75
CA GLU B 351 5.57 31.47 4.62
C GLU B 351 6.55 31.00 3.52
N TYR B 352 6.75 29.69 3.42
CA TYR B 352 7.63 29.13 2.39
C TYR B 352 7.06 29.38 1.00
N ALA B 353 5.78 29.08 0.84
CA ALA B 353 5.08 29.22 -0.41
C ALA B 353 5.02 30.69 -0.83
N HIS B 354 4.81 31.57 0.15
CA HIS B 354 4.69 32.98 -0.12
C HIS B 354 5.98 33.59 -0.70
N ARG B 355 7.14 33.21 -0.15
CA ARG B 355 8.45 33.62 -0.69
C ARG B 355 8.67 33.07 -2.09
N ALA B 356 8.16 31.86 -2.33
CA ALA B 356 8.35 31.17 -3.60
C ALA B 356 7.67 31.91 -4.76
N LYS B 357 6.61 32.66 -4.45
CA LYS B 357 5.96 33.59 -5.42
C LYS B 357 6.93 34.51 -6.18
N ASN B 358 8.01 34.90 -5.52
CA ASN B 358 9.00 35.84 -6.07
C ASN B 358 10.02 35.28 -7.07
N ILE B 359 9.81 34.03 -7.52
CA ILE B 359 10.72 33.38 -8.47
C ILE B 359 10.30 33.67 -9.91
N LEU B 360 11.27 34.05 -10.74
CA LEU B 360 11.03 34.29 -12.16
C LEU B 360 11.61 33.18 -13.04
N ASN B 361 10.73 32.55 -13.82
CA ASN B 361 11.13 31.62 -14.89
C ASN B 361 10.94 32.33 -16.23
N LYS B 362 11.45 31.73 -17.30
CA LYS B 362 11.28 32.29 -18.66
C LYS B 362 10.48 31.33 -19.55
PB ADP C . 4.75 -13.01 1.50
O1B ADP C . 3.48 -12.46 2.08
O2B ADP C . 4.96 -14.41 2.03
O3B ADP C . 5.95 -12.15 1.50
PA ADP C . 3.46 -12.31 -1.03
O1A ADP C . 3.86 -10.89 -0.80
O2A ADP C . 2.03 -12.78 -0.82
O3A ADP C . 4.42 -13.22 -0.08
O5' ADP C . 4.03 -12.85 -2.44
C5' ADP C . 5.26 -12.31 -2.98
C4' ADP C . 5.17 -12.21 -4.51
O4' ADP C . 5.02 -13.52 -5.08
C3' ADP C . 3.95 -11.40 -5.01
O3' ADP C . 4.28 -10.72 -6.24
C2' ADP C . 2.90 -12.44 -5.33
O2' ADP C . 2.09 -12.03 -6.45
C1' ADP C . 3.75 -13.64 -5.74
N9 ADP C . 3.11 -14.93 -5.39
C8 ADP C . 3.28 -15.61 -4.25
N7 ADP C . 2.59 -16.78 -4.26
C5 ADP C . 1.96 -16.84 -5.43
C6 ADP C . 1.06 -17.81 -6.12
N6 ADP C . 0.69 -18.94 -5.48
N1 ADP C . 0.60 -17.50 -7.36
C2 ADP C . 0.96 -16.37 -7.99
N3 ADP C . 1.80 -15.45 -7.44
C4 ADP C . 2.31 -15.62 -6.18
MG MG D . 3.28 -10.78 3.29
O12 K03 E . -10.23 -8.90 0.09
C11 K03 E . -9.26 -8.95 -0.63
C13 K03 E . -9.43 -9.36 -2.06
S17 K03 E . -11.08 -9.48 -2.76
C16 K03 E . -10.48 -9.95 -4.36
C15 K03 E . -9.08 -9.98 -4.27
C14 K03 E . -8.49 -9.67 -3.05
N10 K03 E . -8.03 -8.64 -0.18
C9 K03 E . -7.79 -8.38 1.15
S18 K03 E . -8.24 -9.49 2.45
C19 K03 E . -7.59 -8.35 3.65
C26 K03 E . -7.07 -7.20 3.05
C25 K03 E . -6.48 -6.10 3.93
C22 K03 E . -6.89 -6.27 5.42
C24 K03 E . -8.31 -5.75 5.65
C23 K03 E . -5.98 -5.35 6.21
C21 K03 E . -6.78 -7.72 5.91
C20 K03 E . -7.67 -8.71 5.11
C8 K03 E . -7.20 -7.22 1.63
C6 K03 E . -6.71 -6.12 0.72
O7 K03 E . -5.50 -5.90 0.71
N3 K03 E . -7.48 -5.41 -0.12
C4 K03 E . -8.93 -5.45 -0.17
C5 K03 E . -9.51 -4.26 0.56
C2 K03 E . -6.81 -4.54 -1.11
C1 K03 E . -7.30 -4.75 -2.52
PB ADP F . 0.26 13.67 2.31
O1B ADP F . 0.63 12.95 1.03
O2B ADP F . 0.56 15.15 2.25
O3B ADP F . 0.76 13.01 3.56
PA ADP F . -2.24 12.34 1.97
O1A ADP F . -1.67 11.05 2.52
O2A ADP F . -2.48 12.51 0.49
O3A ADP F . -1.34 13.57 2.44
O5' ADP F . -3.59 12.67 2.75
C5' ADP F . -3.65 12.58 4.18
C4' ADP F . -5.05 12.09 4.59
O4' ADP F . -5.94 13.20 4.43
C3' ADP F . -5.60 10.99 3.72
O3' ADP F . -6.47 10.18 4.53
C2' ADP F . -6.45 11.68 2.69
O2' ADP F . -7.58 10.92 2.29
C1' ADP F . -6.93 12.92 3.43
N9 ADP F . -7.07 14.08 2.54
C8 ADP F . -6.07 14.92 2.20
N7 ADP F . -6.52 15.91 1.40
C5 ADP F . -7.84 15.71 1.24
C6 ADP F . -8.92 16.41 0.52
N6 ADP F . -8.61 17.52 -0.18
N1 ADP F . -10.19 15.90 0.58
C2 ADP F . -10.44 14.78 1.30
N3 ADP F . -9.51 14.10 2.00
C4 ADP F . -8.21 14.51 2.00
MG MG G . 1.82 11.22 0.68
O12 K03 H . -4.78 6.75 -10.88
C11 K03 H . -5.08 6.84 -9.70
C13 K03 H . -6.52 6.98 -9.37
S17 K03 H . -7.73 6.77 -10.67
C16 K03 H . -9.10 7.06 -9.58
C15 K03 H . -8.56 7.31 -8.32
C14 K03 H . -7.17 7.27 -8.17
N10 K03 H . -4.20 6.82 -8.67
C9 K03 H . -2.84 6.82 -8.84
S18 K03 H . -1.90 8.04 -9.74
C19 K03 H . -0.39 7.18 -9.38
C26 K03 H . -0.62 6.05 -8.61
C25 K03 H . 0.56 5.16 -8.19
C22 K03 H . 1.82 5.45 -9.02
C24 K03 H . 1.75 4.69 -10.34
C23 K03 H . 3.02 4.88 -8.27
C21 K03 H . 2.03 6.95 -9.24
C20 K03 H . 0.89 7.73 -9.91
C8 K03 H . -1.99 5.84 -8.32
C6 K03 H . -2.46 4.69 -7.47
O7 K03 H . -1.90 4.62 -6.38
N3 K03 H . -3.42 3.81 -7.79
C4 K03 H . -4.00 3.66 -9.13
C5 K03 H . -3.46 2.44 -9.84
C2 K03 H . -3.91 2.89 -6.76
C1 K03 H . -5.38 2.99 -6.42
#